data_6CTD
#
_entry.id   6CTD
#
_cell.length_a   84.709
_cell.length_b   110.313
_cell.length_c   136.804
_cell.angle_alpha   90.00
_cell.angle_beta   91.20
_cell.angle_gamma   90.00
#
_symmetry.space_group_name_H-M   'P 1 21 1'
#
loop_
_entity.id
_entity.type
_entity.pdbx_description
1 polymer 'Large-conductance mechanosensitive channel'
2 non-polymer 'GOLD ION'
#
_entity_poly.entity_id   1
_entity_poly.type   'polypeptide(L)'
_entity_poly.pdbx_seq_one_letter_code
;MGWSHHHHHHSSGLVPRGSHMLKGFKEFLARGNIVDLAVAVVIGTAFTALVTKFTDSIITPLINRIGVNAQSDVGILRIG
IGGGQTIDLNVLLSAAINFFLIAFAVYFLVVLPYNTLRKKG
;
_entity_poly.pdbx_strand_id   A,B,C,D,E,F,G,H,I,J
#
loop_
_chem_comp.id
_chem_comp.type
_chem_comp.name
_chem_comp.formula
AU non-polymer 'GOLD ION' 'Au 1'
#
# COMPACT_ATOMS: atom_id res chain seq x y z
N LEU A 22 37.33 -0.18 -32.82
CA LEU A 22 36.45 0.83 -33.39
C LEU A 22 35.80 0.34 -34.67
N LYS A 23 36.64 -0.24 -35.53
CA LYS A 23 36.31 -0.40 -36.94
C LYS A 23 35.13 -1.32 -37.15
N GLY A 24 35.25 -2.58 -36.73
CA GLY A 24 34.24 -3.57 -37.04
C GLY A 24 32.84 -3.20 -36.60
N PHE A 25 32.70 -2.28 -35.65
CA PHE A 25 31.38 -1.88 -35.18
C PHE A 25 30.75 -0.83 -36.09
N LYS A 26 31.34 0.36 -36.17
CA LYS A 26 30.72 1.48 -36.86
C LYS A 26 30.84 1.41 -38.37
N GLU A 27 31.47 0.36 -38.92
CA GLU A 27 31.58 0.21 -40.36
C GLU A 27 30.85 -0.99 -40.91
N PHE A 28 30.72 -2.06 -40.14
CA PHE A 28 29.73 -3.09 -40.45
C PHE A 28 28.33 -2.63 -40.07
N LEU A 29 28.24 -1.52 -39.33
CA LEU A 29 26.97 -0.98 -38.87
C LEU A 29 26.07 -0.58 -40.04
N ALA A 30 26.66 -0.05 -41.10
CA ALA A 30 25.98 0.77 -42.10
C ALA A 30 25.48 -0.02 -43.30
N ARG A 31 25.84 -1.29 -43.41
CA ARG A 31 25.59 -2.03 -44.63
C ARG A 31 24.19 -2.64 -44.65
N GLY A 32 23.62 -2.71 -45.85
CA GLY A 32 22.38 -3.45 -46.04
C GLY A 32 21.18 -2.60 -45.68
N ASN A 33 20.24 -3.21 -44.94
CA ASN A 33 19.00 -2.56 -44.55
C ASN A 33 18.91 -2.26 -43.07
N ILE A 34 19.93 -2.60 -42.27
CA ILE A 34 19.80 -2.46 -40.82
C ILE A 34 19.75 -0.98 -40.42
N VAL A 35 20.51 -0.13 -41.12
CA VAL A 35 20.38 1.32 -40.91
C VAL A 35 19.03 1.82 -41.39
N ASP A 36 18.39 1.11 -42.32
CA ASP A 36 16.96 1.32 -42.51
C ASP A 36 16.17 0.62 -41.41
N LEU A 37 16.27 -0.71 -41.35
CA LEU A 37 15.31 -1.51 -40.62
C LEU A 37 15.39 -1.24 -39.12
N ALA A 38 16.58 -1.38 -38.54
CA ALA A 38 16.72 -1.20 -37.10
C ALA A 38 16.40 0.23 -36.69
N VAL A 39 16.70 1.22 -37.55
CA VAL A 39 16.29 2.58 -37.28
C VAL A 39 14.83 2.78 -37.64
N ALA A 40 14.28 1.94 -38.53
CA ALA A 40 12.86 2.02 -38.87
C ALA A 40 12.00 1.45 -37.74
N VAL A 41 12.45 0.38 -37.08
CA VAL A 41 11.75 -0.08 -35.89
C VAL A 41 12.09 0.77 -34.67
N VAL A 42 13.20 1.51 -34.71
CA VAL A 42 13.36 2.65 -33.81
C VAL A 42 12.21 3.64 -34.01
N ILE A 43 11.80 3.85 -35.27
CA ILE A 43 10.65 4.71 -35.57
C ILE A 43 9.35 4.08 -35.07
N GLY A 44 9.27 2.75 -35.05
CA GLY A 44 8.08 2.09 -34.54
C GLY A 44 7.99 2.05 -33.03
N THR A 45 9.12 2.15 -32.33
CA THR A 45 9.09 2.17 -30.87
C THR A 45 8.77 3.56 -30.34
N ALA A 46 9.46 4.57 -30.87
CA ALA A 46 9.41 5.91 -30.28
C ALA A 46 8.17 6.69 -30.70
N PHE A 47 7.74 6.57 -31.96
CA PHE A 47 6.60 7.37 -32.39
C PHE A 47 5.33 6.96 -31.67
N THR A 48 5.02 5.66 -31.68
CA THR A 48 3.83 5.17 -31.01
C THR A 48 3.84 5.51 -29.53
N ALA A 49 5.03 5.58 -28.92
CA ALA A 49 5.11 5.89 -27.49
C ALA A 49 4.74 7.34 -27.19
N LEU A 50 5.17 8.28 -28.04
CA LEU A 50 4.81 9.69 -27.83
C LEU A 50 3.32 9.89 -27.96
N VAL A 51 2.72 9.36 -29.03
CA VAL A 51 1.30 9.55 -29.29
C VAL A 51 0.46 8.80 -28.27
N THR A 52 0.95 7.66 -27.78
CA THR A 52 0.17 6.91 -26.80
C THR A 52 0.25 7.52 -25.41
N LYS A 53 1.32 8.25 -25.07
CA LYS A 53 1.40 8.84 -23.73
C LYS A 53 0.68 10.18 -23.66
N PHE A 54 0.72 10.96 -24.74
CA PHE A 54 -0.32 11.96 -25.00
C PHE A 54 -1.70 11.35 -24.80
N THR A 55 -1.92 10.15 -25.37
CA THR A 55 -3.15 9.38 -25.18
C THR A 55 -3.29 8.89 -23.74
N ASP A 56 -2.19 8.69 -23.04
CA ASP A 56 -2.29 8.17 -21.68
C ASP A 56 -2.26 9.25 -20.61
N SER A 57 -1.91 10.47 -20.96
CA SER A 57 -1.74 11.49 -19.93
C SER A 57 -2.67 12.67 -20.11
N ILE A 58 -2.79 13.14 -21.34
CA ILE A 58 -3.77 14.18 -21.61
C ILE A 58 -5.16 13.58 -21.48
N ILE A 59 -5.30 12.28 -21.74
CA ILE A 59 -6.61 11.76 -22.15
C ILE A 59 -7.24 10.79 -21.14
N THR A 60 -6.48 9.79 -20.69
CA THR A 60 -6.88 8.93 -19.56
C THR A 60 -7.61 9.66 -18.44
N PRO A 61 -7.18 10.84 -18.02
CA PRO A 61 -7.97 11.63 -17.07
C PRO A 61 -9.40 11.84 -17.50
N LEU A 62 -9.56 12.40 -18.70
CA LEU A 62 -10.88 12.56 -19.28
C LEU A 62 -11.59 11.21 -19.37
N ILE A 63 -10.83 10.14 -19.63
CA ILE A 63 -11.44 8.83 -19.80
C ILE A 63 -11.67 8.12 -18.47
N ASN A 64 -10.88 8.40 -17.45
CA ASN A 64 -11.21 7.87 -16.14
C ASN A 64 -12.25 8.73 -15.42
N ARG A 65 -12.56 9.91 -15.96
CA ARG A 65 -13.76 10.63 -15.54
C ARG A 65 -15.02 9.92 -16.03
N ILE A 66 -14.90 9.05 -17.02
CA ILE A 66 -16.08 8.44 -17.63
C ILE A 66 -16.54 7.22 -16.83
N GLY A 67 -15.62 6.43 -16.31
CA GLY A 67 -15.98 5.35 -15.41
C GLY A 67 -16.79 4.23 -16.02
N VAL A 68 -16.68 4.01 -17.33
CA VAL A 68 -17.32 2.84 -17.92
C VAL A 68 -16.68 1.56 -17.43
N ASN A 69 -15.46 1.62 -16.91
CA ASN A 69 -14.74 0.42 -16.55
C ASN A 69 -15.27 -0.24 -15.29
N ALA A 70 -14.85 -1.50 -15.14
CA ALA A 70 -14.86 -2.18 -13.85
C ALA A 70 -16.30 -2.44 -13.37
N GLN A 71 -17.13 -2.94 -14.27
CA GLN A 71 -18.45 -3.43 -13.87
C GLN A 71 -18.30 -4.61 -12.92
N SER A 72 -18.91 -4.48 -11.74
CA SER A 72 -18.66 -5.44 -10.67
C SER A 72 -18.99 -6.86 -11.10
N ASP A 73 -18.09 -7.78 -10.73
CA ASP A 73 -18.19 -9.18 -11.09
C ASP A 73 -17.76 -10.00 -9.88
N VAL A 74 -18.02 -11.31 -9.94
CA VAL A 74 -17.77 -12.24 -8.84
C VAL A 74 -17.00 -13.44 -9.37
N GLY A 75 -15.71 -13.49 -9.09
CA GLY A 75 -14.90 -14.65 -9.46
C GLY A 75 -14.25 -15.30 -8.26
N ILE A 76 -14.55 -16.58 -7.99
CA ILE A 76 -14.13 -17.24 -6.75
C ILE A 76 -12.75 -17.85 -6.94
N LEU A 77 -11.71 -17.08 -6.61
CA LEU A 77 -10.39 -17.67 -6.41
C LEU A 77 -10.44 -18.58 -5.19
N ARG A 78 -10.19 -19.88 -5.39
CA ARG A 78 -10.15 -20.73 -4.17
C ARG A 78 -8.84 -20.48 -3.37
N ILE A 79 -8.08 -19.49 -3.87
CA ILE A 79 -6.80 -19.05 -3.32
C ILE A 79 -6.88 -17.64 -2.73
N GLY A 80 -8.06 -17.06 -2.61
CA GLY A 80 -8.24 -15.93 -1.69
C GLY A 80 -8.15 -14.51 -2.23
N ILE A 81 -8.85 -14.22 -3.32
CA ILE A 81 -9.26 -12.86 -3.70
C ILE A 81 -10.71 -12.99 -4.13
N GLY A 82 -11.64 -12.68 -3.22
CA GLY A 82 -13.06 -12.92 -3.49
C GLY A 82 -14.04 -11.89 -2.96
N GLY A 83 -13.58 -10.66 -2.79
CA GLY A 83 -14.45 -9.62 -2.28
C GLY A 83 -15.37 -9.01 -3.32
N GLY A 84 -14.79 -8.60 -4.45
CA GLY A 84 -15.49 -8.08 -5.61
C GLY A 84 -14.56 -7.98 -6.80
N GLN A 85 -15.06 -8.22 -8.03
CA GLN A 85 -14.18 -8.15 -9.20
C GLN A 85 -14.57 -7.01 -10.13
N THR A 86 -13.97 -6.97 -11.33
CA THR A 86 -14.11 -5.86 -12.26
C THR A 86 -14.00 -6.39 -13.67
N ILE A 87 -14.70 -5.74 -14.61
CA ILE A 87 -14.58 -6.05 -16.03
C ILE A 87 -14.43 -4.74 -16.81
N ASP A 88 -13.18 -4.38 -17.11
CA ASP A 88 -12.84 -3.02 -17.54
C ASP A 88 -13.29 -2.79 -18.98
N LEU A 89 -14.26 -1.88 -19.16
CA LEU A 89 -14.82 -1.60 -20.47
C LEU A 89 -14.20 -0.41 -21.17
N ASN A 90 -13.98 0.72 -20.48
CA ASN A 90 -13.41 1.86 -21.20
C ASN A 90 -11.90 2.01 -20.99
N VAL A 91 -11.22 0.95 -20.52
CA VAL A 91 -9.80 0.79 -20.84
C VAL A 91 -9.66 0.33 -22.28
N LEU A 92 -10.66 -0.41 -22.76
CA LEU A 92 -10.86 -0.55 -24.21
C LEU A 92 -11.05 0.80 -24.89
N LEU A 93 -11.67 1.75 -24.19
CA LEU A 93 -11.88 3.09 -24.72
C LEU A 93 -10.69 4.01 -24.48
N SER A 94 -9.81 3.67 -23.53
CA SER A 94 -8.51 4.31 -23.40
C SER A 94 -7.48 3.75 -24.40
N ALA A 95 -7.80 2.62 -25.06
CA ALA A 95 -6.88 2.05 -26.03
C ALA A 95 -7.18 2.51 -27.45
N ALA A 96 -8.46 2.61 -27.83
CA ALA A 96 -8.80 3.04 -29.18
C ALA A 96 -8.22 4.42 -29.47
N ILE A 97 -8.00 5.22 -28.42
CA ILE A 97 -7.57 6.60 -28.60
C ILE A 97 -6.13 6.67 -29.11
N ASN A 98 -5.28 5.71 -28.76
CA ASN A 98 -3.92 5.78 -29.27
C ASN A 98 -3.79 5.14 -30.65
N PHE A 99 -4.46 4.00 -30.88
CA PHE A 99 -4.42 3.36 -32.20
C PHE A 99 -4.84 4.32 -33.30
N PHE A 100 -5.99 4.98 -33.13
CA PHE A 100 -6.38 5.97 -34.13
C PHE A 100 -5.43 7.17 -34.11
N LEU A 101 -5.11 7.71 -32.93
CA LEU A 101 -4.20 8.86 -32.93
C LEU A 101 -2.77 8.49 -33.36
N ILE A 102 -2.34 7.24 -33.16
CA ILE A 102 -1.16 6.77 -33.89
C ILE A 102 -1.40 6.92 -35.38
N ALA A 103 -2.61 6.63 -35.85
CA ALA A 103 -2.95 6.82 -37.25
C ALA A 103 -3.31 8.27 -37.59
N PHE A 104 -3.45 9.16 -36.61
CA PHE A 104 -3.71 10.57 -36.90
C PHE A 104 -2.45 11.44 -36.77
N ALA A 105 -1.65 11.25 -35.72
CA ALA A 105 -0.44 12.06 -35.58
C ALA A 105 0.55 11.73 -36.68
N VAL A 106 0.59 10.47 -37.13
CA VAL A 106 1.53 10.08 -38.18
C VAL A 106 1.10 10.66 -39.52
N TYR A 107 -0.20 10.86 -39.73
CA TYR A 107 -0.68 11.24 -41.06
C TYR A 107 -0.31 12.68 -41.40
N PHE A 108 -0.23 13.56 -40.40
CA PHE A 108 0.06 14.97 -40.64
C PHE A 108 1.56 15.23 -40.76
N LEU A 109 2.38 14.60 -39.91
CA LEU A 109 3.81 14.84 -39.93
C LEU A 109 4.51 14.02 -41.00
N VAL A 110 4.08 12.77 -41.21
CA VAL A 110 4.83 11.82 -42.02
C VAL A 110 4.21 11.65 -43.40
N VAL A 111 2.88 11.70 -43.49
CA VAL A 111 2.20 11.31 -44.72
C VAL A 111 1.95 12.51 -45.64
N LEU A 112 1.42 13.62 -45.12
CA LEU A 112 0.96 14.69 -46.01
C LEU A 112 2.06 15.36 -46.83
N PRO A 113 3.30 15.51 -46.37
CA PRO A 113 4.38 15.89 -47.29
C PRO A 113 5.02 14.72 -48.04
N TYR A 114 4.63 13.47 -47.81
CA TYR A 114 5.11 12.31 -48.56
C TYR A 114 4.12 11.84 -49.63
N ASN A 115 2.83 11.68 -49.28
CA ASN A 115 1.85 11.23 -50.26
C ASN A 115 1.72 12.23 -51.41
N THR A 116 2.14 13.47 -51.21
CA THR A 116 2.23 14.46 -52.30
C THR A 116 3.51 14.26 -53.10
N LEU B 22 22.47 -29.24 -32.56
CA LEU B 22 23.06 -27.98 -32.98
C LEU B 22 22.94 -27.75 -34.49
N LYS B 23 22.59 -28.81 -35.24
CA LYS B 23 22.61 -28.72 -36.70
C LYS B 23 21.33 -28.08 -37.24
N GLY B 24 20.17 -28.68 -36.94
CA GLY B 24 18.92 -28.13 -37.43
C GLY B 24 18.63 -26.73 -36.93
N PHE B 25 19.26 -26.31 -35.83
CA PHE B 25 19.01 -25.01 -35.21
C PHE B 25 19.98 -23.94 -35.67
N LYS B 26 21.29 -24.12 -35.41
CA LYS B 26 22.24 -23.04 -35.65
C LYS B 26 22.61 -22.87 -37.12
N GLU B 27 22.14 -23.75 -38.01
CA GLU B 27 22.40 -23.62 -39.44
C GLU B 27 21.17 -23.28 -40.26
N PHE B 28 19.97 -23.50 -39.74
CA PHE B 28 18.82 -22.76 -40.25
C PHE B 28 18.84 -21.32 -39.75
N LEU B 29 19.88 -20.97 -38.98
CA LEU B 29 20.00 -19.67 -38.32
C LEU B 29 20.20 -18.54 -39.31
N ALA B 30 20.91 -18.81 -40.42
CA ALA B 30 21.65 -17.78 -41.13
C ALA B 30 21.19 -17.55 -42.57
N ARG B 31 20.02 -18.05 -42.95
CA ARG B 31 19.55 -18.00 -44.34
C ARG B 31 18.42 -17.00 -44.49
N GLY B 32 18.58 -16.08 -45.45
CA GLY B 32 17.53 -15.16 -45.84
C GLY B 32 17.54 -13.83 -45.11
N ASN B 33 16.35 -13.34 -44.76
CA ASN B 33 16.20 -12.11 -43.99
C ASN B 33 15.93 -12.36 -42.50
N ILE B 34 16.12 -13.59 -42.01
CA ILE B 34 15.84 -13.88 -40.61
C ILE B 34 17.01 -13.50 -39.69
N VAL B 35 18.17 -13.13 -40.24
CA VAL B 35 19.24 -12.53 -39.44
C VAL B 35 19.21 -11.00 -39.50
N ASP B 36 19.00 -10.41 -40.69
CA ASP B 36 19.03 -8.96 -40.83
C ASP B 36 17.85 -8.31 -40.11
N LEU B 37 16.68 -8.94 -40.16
CA LEU B 37 15.45 -8.36 -39.65
C LEU B 37 15.22 -8.68 -38.17
N ALA B 38 15.47 -9.94 -37.75
CA ALA B 38 15.18 -10.33 -36.37
C ALA B 38 16.12 -9.67 -35.37
N VAL B 39 17.34 -9.34 -35.77
CA VAL B 39 18.24 -8.65 -34.86
C VAL B 39 18.15 -7.14 -35.04
N ALA B 40 17.65 -6.67 -36.18
CA ALA B 40 17.33 -5.25 -36.30
C ALA B 40 16.22 -4.83 -35.34
N VAL B 41 15.35 -5.77 -34.94
CA VAL B 41 14.43 -5.53 -33.83
C VAL B 41 15.02 -5.94 -32.48
N VAL B 42 16.05 -6.79 -32.48
CA VAL B 42 16.94 -6.84 -31.31
C VAL B 42 17.62 -5.49 -31.15
N ILE B 43 17.92 -4.81 -32.26
CA ILE B 43 18.39 -3.42 -32.23
C ILE B 43 17.23 -2.43 -32.10
N GLY B 44 16.01 -2.81 -32.49
CA GLY B 44 14.88 -1.93 -32.30
C GLY B 44 14.54 -1.71 -30.83
N THR B 45 14.48 -2.80 -30.04
CA THR B 45 14.17 -2.70 -28.62
C THR B 45 15.39 -2.37 -27.78
N ALA B 46 16.55 -2.95 -28.08
CA ALA B 46 17.70 -2.78 -27.20
C ALA B 46 18.32 -1.40 -27.33
N PHE B 47 18.35 -0.83 -28.55
CA PHE B 47 18.94 0.50 -28.72
C PHE B 47 18.10 1.58 -28.06
N THR B 48 16.77 1.55 -28.27
CA THR B 48 15.95 2.62 -27.72
C THR B 48 15.90 2.54 -26.19
N ALA B 49 16.11 1.35 -25.60
CA ALA B 49 16.06 1.18 -24.16
C ALA B 49 17.21 1.87 -23.42
N LEU B 50 18.39 1.97 -24.05
CA LEU B 50 19.44 2.80 -23.49
C LEU B 50 19.06 4.28 -23.51
N VAL B 51 18.38 4.70 -24.58
CA VAL B 51 18.11 6.13 -24.76
C VAL B 51 16.71 6.54 -24.30
N THR B 52 15.74 5.62 -24.27
CA THR B 52 14.45 5.92 -23.66
C THR B 52 14.59 6.04 -22.14
N LYS B 53 15.21 5.04 -21.53
CA LYS B 53 15.48 5.08 -20.09
C LYS B 53 16.47 6.18 -19.74
N PHE B 54 17.25 6.65 -20.72
CA PHE B 54 18.03 7.89 -20.57
C PHE B 54 17.12 9.09 -20.35
N THR B 55 15.96 9.10 -20.99
CA THR B 55 15.04 10.23 -20.91
C THR B 55 14.06 10.12 -19.75
N ASP B 56 14.02 8.98 -19.05
CA ASP B 56 13.02 8.76 -18.03
C ASP B 56 13.59 8.70 -16.62
N SER B 57 14.86 8.36 -16.48
CA SER B 57 15.56 8.41 -15.21
C SER B 57 16.26 9.74 -14.99
N ILE B 58 16.60 10.44 -16.06
CA ILE B 58 17.29 11.72 -15.97
C ILE B 58 16.34 12.88 -16.17
N ILE B 59 15.50 12.78 -17.21
CA ILE B 59 14.76 13.91 -17.73
C ILE B 59 13.36 13.98 -17.17
N THR B 60 12.60 12.90 -17.30
CA THR B 60 11.26 12.90 -16.74
C THR B 60 11.23 13.30 -15.27
N PRO B 61 12.20 12.95 -14.43
CA PRO B 61 12.25 13.58 -13.10
C PRO B 61 12.57 15.07 -13.13
N LEU B 62 13.45 15.54 -14.04
CA LEU B 62 13.52 16.98 -14.28
C LEU B 62 12.18 17.53 -14.77
N ILE B 63 11.42 16.71 -15.51
CA ILE B 63 10.08 17.11 -15.93
C ILE B 63 9.04 16.78 -14.87
N ASN B 64 9.45 16.12 -13.78
CA ASN B 64 8.63 16.07 -12.57
C ASN B 64 8.85 17.28 -11.68
N ARG B 65 9.95 18.02 -11.85
CA ARG B 65 10.09 19.31 -11.18
C ARG B 65 9.15 20.36 -11.79
N ILE B 66 8.65 20.12 -13.01
CA ILE B 66 7.67 21.05 -13.60
C ILE B 66 6.36 21.01 -12.82
N GLY B 67 5.70 19.86 -12.83
CA GLY B 67 4.67 19.60 -11.83
C GLY B 67 3.39 20.39 -12.00
N VAL B 68 3.47 21.50 -12.75
CA VAL B 68 2.36 22.44 -12.81
C VAL B 68 1.10 21.77 -13.36
N ASN B 69 1.25 20.99 -14.42
CA ASN B 69 0.11 20.47 -15.17
C ASN B 69 -0.76 19.56 -14.31
N ALA B 70 -1.86 19.04 -14.90
CA ALA B 70 -2.88 18.23 -14.21
C ALA B 70 -3.69 19.01 -13.17
N GLN B 71 -4.52 19.95 -13.61
CA GLN B 71 -5.59 20.37 -12.71
C GLN B 71 -6.60 19.24 -12.54
N SER B 72 -7.12 19.10 -11.31
CA SER B 72 -7.88 17.92 -10.93
C SER B 72 -9.02 17.64 -11.89
N ASP B 73 -9.40 16.39 -11.99
CA ASP B 73 -10.61 16.01 -12.69
C ASP B 73 -11.47 15.28 -11.68
N VAL B 74 -12.73 15.68 -11.58
CA VAL B 74 -13.67 15.04 -10.68
C VAL B 74 -14.40 13.97 -11.49
N GLY B 75 -13.95 12.72 -11.36
CA GLY B 75 -14.52 11.61 -12.10
C GLY B 75 -14.81 10.37 -11.28
N ILE B 76 -16.08 9.93 -11.27
CA ILE B 76 -16.57 8.80 -10.49
C ILE B 76 -16.56 7.53 -11.33
N LEU B 77 -16.41 6.37 -10.67
CA LEU B 77 -16.58 5.06 -11.28
C LEU B 77 -17.68 4.30 -10.56
N ARG B 78 -18.16 3.23 -11.19
CA ARG B 78 -19.19 2.43 -10.53
C ARG B 78 -18.62 1.54 -9.42
N ILE B 79 -17.32 1.22 -9.47
CA ILE B 79 -16.66 0.68 -8.28
C ILE B 79 -16.72 1.70 -7.16
N GLY B 80 -16.40 2.96 -7.45
CA GLY B 80 -16.66 4.03 -6.51
C GLY B 80 -15.62 5.11 -6.29
N ILE B 81 -14.48 5.06 -6.98
CA ILE B 81 -13.43 6.05 -6.78
C ILE B 81 -13.98 7.42 -7.20
N GLY B 82 -14.20 8.28 -6.20
CA GLY B 82 -14.87 9.56 -6.41
C GLY B 82 -14.30 10.68 -5.56
N GLY B 83 -13.01 10.58 -5.24
CA GLY B 83 -12.26 11.65 -4.62
C GLY B 83 -11.73 12.63 -5.66
N GLY B 84 -10.78 12.21 -6.49
CA GLY B 84 -10.18 13.11 -7.47
C GLY B 84 -9.33 12.37 -8.47
N GLN B 85 -9.15 13.01 -9.63
CA GLN B 85 -8.31 12.53 -10.72
C GLN B 85 -7.27 13.60 -11.04
N THR B 86 -6.41 13.26 -11.99
CA THR B 86 -5.36 14.16 -12.48
C THR B 86 -5.46 14.20 -14.00
N ILE B 87 -5.54 15.40 -14.60
CA ILE B 87 -5.51 15.47 -16.06
C ILE B 87 -4.11 15.86 -16.53
N ASP B 88 -3.21 14.89 -16.62
CA ASP B 88 -1.80 15.16 -16.40
C ASP B 88 -1.05 15.28 -17.73
N LEU B 89 -0.30 16.36 -17.90
CA LEU B 89 0.32 16.66 -19.18
C LEU B 89 1.80 16.28 -19.25
N ASN B 90 2.63 16.84 -18.36
CA ASN B 90 4.05 17.00 -18.70
C ASN B 90 4.79 15.69 -18.89
N VAL B 91 4.13 14.54 -18.75
CA VAL B 91 4.75 13.31 -19.20
C VAL B 91 4.50 13.12 -20.70
N LEU B 92 3.40 13.68 -21.22
CA LEU B 92 3.38 14.07 -22.63
C LEU B 92 4.63 14.88 -22.97
N LEU B 93 5.00 15.81 -22.10
CA LEU B 93 6.19 16.61 -22.25
C LEU B 93 7.46 15.86 -21.82
N SER B 94 7.34 14.60 -21.37
CA SER B 94 8.49 13.70 -21.26
C SER B 94 8.38 12.51 -22.21
N ALA B 95 7.23 12.30 -22.84
CA ALA B 95 7.15 11.39 -23.97
C ALA B 95 7.67 12.02 -25.24
N ALA B 96 7.64 13.35 -25.33
CA ALA B 96 8.22 14.04 -26.48
C ALA B 96 9.74 14.07 -26.36
N ILE B 97 10.24 14.30 -25.15
CA ILE B 97 11.67 14.18 -24.88
C ILE B 97 12.12 12.74 -25.11
N ASN B 98 11.18 11.79 -25.07
CA ASN B 98 11.47 10.37 -25.30
C ASN B 98 11.68 10.08 -26.79
N PHE B 99 10.79 10.59 -27.65
CA PHE B 99 10.94 10.40 -29.10
C PHE B 99 12.13 11.16 -29.68
N PHE B 100 12.43 12.34 -29.12
CA PHE B 100 13.40 13.22 -29.76
C PHE B 100 14.83 12.72 -29.57
N LEU B 101 15.21 12.40 -28.32
CA LEU B 101 16.58 11.98 -28.07
C LEU B 101 16.87 10.57 -28.60
N ILE B 102 15.85 9.73 -28.71
CA ILE B 102 16.00 8.50 -29.50
C ILE B 102 16.47 8.86 -30.89
N ALA B 103 15.82 9.85 -31.51
CA ALA B 103 16.21 10.31 -32.84
C ALA B 103 17.59 10.94 -32.83
N PHE B 104 17.98 11.64 -31.76
CA PHE B 104 19.32 12.21 -31.71
C PHE B 104 20.38 11.14 -31.51
N ALA B 105 20.12 10.18 -30.61
CA ALA B 105 21.12 9.16 -30.33
C ALA B 105 21.20 8.13 -31.45
N VAL B 106 20.11 7.93 -32.20
CA VAL B 106 20.16 7.05 -33.37
C VAL B 106 20.78 7.75 -34.56
N TYR B 107 20.80 9.08 -34.55
CA TYR B 107 21.39 9.86 -35.64
C TYR B 107 22.91 10.00 -35.50
N PHE B 108 23.46 9.76 -34.31
CA PHE B 108 24.86 10.06 -34.04
C PHE B 108 25.78 8.86 -34.22
N LEU B 109 25.49 7.76 -33.51
CA LEU B 109 26.35 6.57 -33.58
C LEU B 109 26.06 5.74 -34.82
N VAL B 110 24.84 5.82 -35.35
CA VAL B 110 24.40 4.97 -36.46
C VAL B 110 24.35 5.74 -37.78
N VAL B 111 23.67 6.89 -37.79
CA VAL B 111 23.39 7.56 -39.06
C VAL B 111 24.52 8.49 -39.51
N LEU B 112 25.27 9.08 -38.57
CA LEU B 112 26.35 9.98 -38.96
C LEU B 112 27.48 9.23 -39.68
N PRO B 113 27.85 8.01 -39.29
CA PRO B 113 28.76 7.23 -40.13
C PRO B 113 28.11 6.57 -41.34
N TYR B 114 26.77 6.45 -41.40
CA TYR B 114 26.09 5.86 -42.56
C TYR B 114 25.65 6.90 -43.59
N ASN B 115 25.12 8.05 -43.17
CA ASN B 115 24.72 9.07 -44.15
C ASN B 115 25.92 9.59 -44.93
N THR B 116 27.14 9.31 -44.46
CA THR B 116 28.36 9.55 -45.22
C THR B 116 28.69 8.36 -46.11
N LEU C 22 -9.36 -25.46 -41.89
CA LEU C 22 -7.93 -25.35 -41.62
C LEU C 22 -7.19 -24.70 -42.78
N LYS C 23 -7.89 -24.48 -43.89
CA LYS C 23 -7.21 -24.00 -45.10
C LYS C 23 -6.84 -22.52 -45.01
N GLY C 24 -7.73 -21.69 -44.49
CA GLY C 24 -7.49 -20.25 -44.52
C GLY C 24 -6.22 -19.85 -43.80
N PHE C 25 -5.94 -20.49 -42.66
CA PHE C 25 -4.83 -20.07 -41.83
C PHE C 25 -3.52 -20.75 -42.23
N LYS C 26 -3.55 -22.07 -42.46
CA LYS C 26 -2.30 -22.83 -42.56
C LYS C 26 -1.59 -22.59 -43.89
N GLU C 27 -2.30 -22.75 -45.01
CA GLU C 27 -1.63 -22.68 -46.31
C GLU C 27 -1.22 -21.27 -46.72
N PHE C 28 -1.78 -20.24 -46.09
CA PHE C 28 -1.32 -18.88 -46.37
C PHE C 28 0.00 -18.59 -45.66
N LEU C 29 0.32 -19.38 -44.63
CA LEU C 29 1.49 -19.16 -43.79
C LEU C 29 2.80 -19.13 -44.59
N ALA C 30 3.07 -20.20 -45.35
CA ALA C 30 4.40 -20.46 -45.89
C ALA C 30 4.87 -19.48 -46.95
N ARG C 31 4.06 -18.50 -47.35
CA ARG C 31 4.34 -17.72 -48.55
C ARG C 31 5.15 -16.46 -48.25
N GLY C 32 6.01 -16.09 -49.23
CA GLY C 32 6.55 -14.74 -49.27
C GLY C 32 7.54 -14.48 -48.16
N ASN C 33 7.35 -13.34 -47.49
CA ASN C 33 8.23 -12.91 -46.39
C ASN C 33 7.52 -12.93 -45.03
N ILE C 34 6.27 -13.40 -44.95
CA ILE C 34 5.55 -13.41 -43.67
C ILE C 34 6.19 -14.39 -42.69
N VAL C 35 6.78 -15.49 -43.17
CA VAL C 35 7.49 -16.40 -42.27
C VAL C 35 8.91 -15.92 -41.98
N ASP C 36 9.48 -15.09 -42.85
CA ASP C 36 10.80 -14.53 -42.57
C ASP C 36 10.75 -13.45 -41.51
N LEU C 37 9.57 -12.87 -41.26
CA LEU C 37 9.46 -11.68 -40.42
C LEU C 37 8.67 -11.89 -39.13
N ALA C 38 7.45 -12.46 -39.20
CA ALA C 38 6.64 -12.61 -38.00
C ALA C 38 7.40 -13.38 -36.93
N VAL C 39 8.00 -14.50 -37.32
CA VAL C 39 8.91 -15.24 -36.46
C VAL C 39 10.20 -14.46 -36.20
N ALA C 40 10.49 -13.43 -36.97
CA ALA C 40 11.70 -12.64 -36.72
C ALA C 40 11.49 -11.63 -35.60
N VAL C 41 10.33 -10.98 -35.52
CA VAL C 41 9.98 -10.22 -34.31
C VAL C 41 9.54 -11.12 -33.18
N VAL C 42 9.37 -12.42 -33.44
CA VAL C 42 9.34 -13.41 -32.38
C VAL C 42 10.74 -13.64 -31.82
N ILE C 43 11.78 -13.41 -32.62
CA ILE C 43 13.16 -13.50 -32.15
C ILE C 43 13.66 -12.19 -31.54
N GLY C 44 13.16 -11.04 -32.01
CA GLY C 44 13.63 -9.77 -31.49
C GLY C 44 13.21 -9.51 -30.05
N THR C 45 11.96 -9.85 -29.70
CA THR C 45 11.46 -9.68 -28.34
C THR C 45 11.88 -10.82 -27.42
N ALA C 46 11.99 -12.02 -27.95
CA ALA C 46 12.30 -13.18 -27.12
C ALA C 46 13.74 -13.13 -26.62
N PHE C 47 14.71 -13.11 -27.55
CA PHE C 47 16.12 -13.14 -27.14
C PHE C 47 16.47 -11.93 -26.29
N THR C 48 15.99 -10.75 -26.67
CA THR C 48 16.26 -9.55 -25.88
C THR C 48 15.44 -9.51 -24.58
N ALA C 49 14.83 -10.61 -24.16
CA ALA C 49 14.29 -10.79 -22.81
C ALA C 49 15.10 -11.77 -21.98
N LEU C 50 15.60 -12.84 -22.60
CA LEU C 50 16.65 -13.66 -21.99
C LEU C 50 17.82 -12.81 -21.55
N VAL C 51 18.09 -11.71 -22.25
CA VAL C 51 19.29 -10.94 -22.02
C VAL C 51 19.01 -9.59 -21.36
N THR C 52 17.79 -9.04 -21.50
CA THR C 52 17.45 -7.84 -20.75
C THR C 52 17.06 -8.19 -19.32
N LYS C 53 16.11 -9.11 -19.15
CA LYS C 53 15.79 -9.60 -17.81
C LYS C 53 17.01 -10.23 -17.16
N PHE C 54 18.00 -10.61 -17.98
CA PHE C 54 19.34 -10.93 -17.49
C PHE C 54 20.02 -9.71 -16.86
N THR C 55 19.98 -8.58 -17.57
CA THR C 55 20.54 -7.34 -17.05
C THR C 55 19.86 -6.89 -15.76
N ASP C 56 18.54 -6.84 -15.77
CA ASP C 56 17.80 -6.04 -14.81
C ASP C 56 17.40 -6.84 -13.58
N SER C 57 17.52 -8.15 -13.62
CA SER C 57 17.36 -8.99 -12.45
C SER C 57 18.69 -9.27 -11.78
N ILE C 58 19.70 -9.64 -12.57
CA ILE C 58 21.01 -9.94 -12.01
C ILE C 58 21.75 -8.66 -11.68
N ILE C 59 21.89 -7.78 -12.67
CA ILE C 59 22.92 -6.77 -12.67
C ILE C 59 22.42 -5.45 -12.13
N THR C 60 21.22 -5.05 -12.54
CA THR C 60 20.65 -3.81 -12.04
C THR C 60 20.58 -3.77 -10.51
N PRO C 61 20.43 -4.88 -9.77
CA PRO C 61 20.67 -4.80 -8.32
C PRO C 61 22.13 -4.61 -7.94
N LEU C 62 23.09 -5.17 -8.66
CA LEU C 62 24.46 -4.70 -8.52
C LEU C 62 24.59 -3.24 -8.91
N ILE C 63 23.60 -2.71 -9.65
CA ILE C 63 23.50 -1.29 -9.96
C ILE C 63 22.47 -0.59 -9.09
N ASN C 64 21.78 -1.34 -8.23
CA ASN C 64 20.96 -0.76 -7.17
C ASN C 64 21.72 -0.65 -5.85
N ARG C 65 22.87 -1.32 -5.73
CA ARG C 65 23.78 -1.11 -4.60
C ARG C 65 24.57 0.17 -4.74
N ILE C 66 24.51 0.82 -5.90
CA ILE C 66 25.25 2.06 -6.11
C ILE C 66 24.63 3.21 -5.32
N GLY C 67 23.40 3.60 -5.68
CA GLY C 67 22.55 4.41 -4.83
C GLY C 67 22.84 5.90 -4.71
N VAL C 68 24.07 6.33 -5.01
CA VAL C 68 24.52 7.71 -4.80
C VAL C 68 23.63 8.72 -5.52
N ASN C 69 22.86 8.22 -6.49
CA ASN C 69 22.08 9.05 -7.40
C ASN C 69 20.81 9.55 -6.72
N ALA C 70 19.90 10.07 -7.54
CA ALA C 70 18.58 10.52 -7.10
C ALA C 70 18.69 11.70 -6.14
N GLN C 71 19.54 12.68 -6.48
CA GLN C 71 19.57 13.93 -5.72
C GLN C 71 18.15 14.50 -5.65
N SER C 72 17.75 14.87 -4.44
CA SER C 72 16.37 15.28 -4.15
C SER C 72 15.90 16.37 -5.11
N ASP C 73 14.61 16.34 -5.43
CA ASP C 73 13.97 17.35 -6.28
C ASP C 73 12.59 17.67 -5.69
N VAL C 74 12.20 18.94 -5.75
CA VAL C 74 10.88 19.38 -5.28
C VAL C 74 10.03 19.71 -6.50
N GLY C 75 8.90 19.02 -6.62
CA GLY C 75 7.88 19.39 -7.57
C GLY C 75 6.57 19.54 -6.83
N ILE C 76 6.07 20.76 -6.74
CA ILE C 76 4.85 21.06 -5.99
C ILE C 76 3.69 21.07 -6.99
N LEU C 77 3.09 19.88 -7.19
CA LEU C 77 1.92 19.77 -8.04
C LEU C 77 0.73 20.45 -7.38
N ARG C 78 0.03 21.31 -8.13
CA ARG C 78 -1.06 22.03 -7.47
C ARG C 78 -2.19 21.10 -7.02
N ILE C 79 -2.20 19.85 -7.47
CA ILE C 79 -3.10 18.81 -6.98
C ILE C 79 -2.66 18.24 -5.65
N GLY C 80 -1.57 18.76 -5.08
CA GLY C 80 -1.06 18.24 -3.82
C GLY C 80 -0.21 16.99 -3.89
N ILE C 81 0.95 17.10 -4.52
CA ILE C 81 2.07 16.17 -4.34
C ILE C 81 3.30 17.05 -4.18
N GLY C 82 3.63 17.41 -2.95
CA GLY C 82 4.64 18.44 -2.71
C GLY C 82 5.60 18.08 -1.61
N GLY C 83 5.81 16.78 -1.39
CA GLY C 83 6.82 16.35 -0.44
C GLY C 83 8.19 16.30 -1.07
N GLY C 84 8.32 15.65 -2.22
CA GLY C 84 9.59 15.55 -2.92
C GLY C 84 9.54 14.52 -4.03
N GLN C 85 10.60 14.53 -4.86
CA GLN C 85 10.77 13.63 -5.99
C GLN C 85 12.23 13.17 -6.06
N THR C 86 12.51 12.32 -7.05
CA THR C 86 13.81 11.73 -7.25
C THR C 86 14.21 11.95 -8.70
N ILE C 87 15.46 12.38 -8.93
CA ILE C 87 16.00 12.43 -10.29
C ILE C 87 17.10 11.38 -10.36
N ASP C 88 16.70 10.14 -10.59
CA ASP C 88 17.51 8.98 -10.24
C ASP C 88 18.23 8.47 -11.48
N LEU C 89 19.56 8.38 -11.41
CA LEU C 89 20.40 8.26 -12.59
C LEU C 89 20.85 6.83 -12.91
N ASN C 90 21.03 5.95 -11.92
CA ASN C 90 21.80 4.72 -12.14
C ASN C 90 21.04 3.62 -12.88
N VAL C 91 19.79 3.82 -13.27
CA VAL C 91 19.14 2.85 -14.14
C VAL C 91 19.39 3.19 -15.61
N LEU C 92 19.67 4.46 -15.93
CA LEU C 92 20.41 4.78 -17.14
C LEU C 92 21.69 3.95 -17.22
N LEU C 93 22.39 3.80 -16.10
CA LEU C 93 23.54 2.91 -16.06
C LEU C 93 23.14 1.48 -16.33
N SER C 94 21.93 1.08 -15.92
CA SER C 94 21.46 -0.25 -16.26
C SER C 94 20.82 -0.31 -17.64
N ALA C 95 20.43 0.83 -18.21
CA ALA C 95 19.92 0.87 -19.57
C ALA C 95 21.00 0.56 -20.59
N ALA C 96 22.26 0.83 -20.26
CA ALA C 96 23.39 0.36 -21.05
C ALA C 96 23.73 -1.08 -20.73
N ILE C 97 23.45 -1.52 -19.50
CA ILE C 97 23.60 -2.93 -19.17
C ILE C 97 22.58 -3.74 -19.93
N ASN C 98 21.42 -3.15 -20.21
CA ASN C 98 20.42 -3.79 -21.05
C ASN C 98 20.91 -3.89 -22.49
N PHE C 99 21.31 -2.76 -23.07
CA PHE C 99 21.67 -2.72 -24.48
C PHE C 99 22.95 -3.49 -24.75
N PHE C 100 24.00 -3.21 -23.98
CA PHE C 100 25.32 -3.79 -24.26
C PHE C 100 25.30 -5.31 -24.14
N LEU C 101 24.69 -5.84 -23.09
CA LEU C 101 24.73 -7.30 -22.93
C LEU C 101 23.78 -8.01 -23.89
N ILE C 102 22.69 -7.36 -24.31
CA ILE C 102 22.01 -7.82 -25.52
C ILE C 102 22.99 -7.82 -26.69
N ALA C 103 23.61 -6.67 -26.93
CA ALA C 103 24.64 -6.52 -27.95
C ALA C 103 25.96 -7.23 -27.57
N PHE C 104 25.99 -8.02 -26.49
CA PHE C 104 27.05 -8.98 -26.20
C PHE C 104 26.59 -10.42 -26.31
N ALA C 105 25.36 -10.72 -25.91
CA ALA C 105 24.85 -12.08 -26.03
C ALA C 105 24.47 -12.43 -27.45
N VAL C 106 24.24 -11.44 -28.31
CA VAL C 106 23.88 -11.69 -29.69
C VAL C 106 25.11 -11.44 -30.58
N TYR C 107 26.02 -10.56 -30.13
CA TYR C 107 27.21 -10.28 -30.92
C TYR C 107 28.15 -11.47 -30.99
N PHE C 108 28.11 -12.34 -29.97
CA PHE C 108 28.95 -13.52 -29.99
C PHE C 108 28.42 -14.58 -30.95
N LEU C 109 27.09 -14.73 -31.01
CA LEU C 109 26.49 -15.83 -31.75
C LEU C 109 26.36 -15.53 -33.24
N VAL C 110 26.37 -14.26 -33.65
CA VAL C 110 26.29 -13.98 -35.07
C VAL C 110 27.68 -14.02 -35.71
N VAL C 111 28.68 -13.51 -35.00
CA VAL C 111 30.02 -13.41 -35.59
C VAL C 111 30.64 -14.80 -35.76
N LEU C 112 30.42 -15.69 -34.81
CA LEU C 112 31.18 -16.93 -34.81
C LEU C 112 30.72 -17.88 -35.92
N PRO C 113 29.44 -18.31 -36.00
CA PRO C 113 29.04 -19.19 -37.11
C PRO C 113 28.65 -18.49 -38.41
N TYR C 114 28.12 -17.26 -38.36
CA TYR C 114 27.58 -16.61 -39.55
C TYR C 114 28.54 -15.61 -40.19
N ASN C 115 28.96 -14.60 -39.44
CA ASN C 115 29.68 -13.48 -40.04
C ASN C 115 30.92 -13.95 -40.81
N THR C 116 31.43 -15.13 -40.49
CA THR C 116 32.55 -15.68 -41.23
C THR C 116 32.09 -16.68 -42.27
N LEU D 22 -13.02 6.28 -47.36
CA LEU D 22 -12.56 4.92 -47.62
C LEU D 22 -11.34 4.94 -48.53
N LYS D 23 -11.38 5.83 -49.52
CA LYS D 23 -10.36 5.84 -50.58
C LYS D 23 -8.96 6.06 -50.01
N GLY D 24 -8.80 7.03 -49.10
CA GLY D 24 -7.48 7.36 -48.60
C GLY D 24 -6.87 6.23 -47.81
N PHE D 25 -7.70 5.38 -47.22
CA PHE D 25 -7.23 4.34 -46.32
C PHE D 25 -7.24 2.96 -46.98
N LYS D 26 -8.35 2.59 -47.63
CA LYS D 26 -8.50 1.25 -48.19
C LYS D 26 -7.58 1.02 -49.37
N GLU D 27 -7.50 1.99 -50.29
CA GLU D 27 -6.67 1.81 -51.48
C GLU D 27 -5.21 1.70 -51.13
N PHE D 28 -4.74 2.56 -50.22
CA PHE D 28 -3.34 2.54 -49.84
C PHE D 28 -3.10 1.57 -48.69
N LEU D 29 -3.99 0.60 -48.55
CA LEU D 29 -3.91 -0.52 -47.61
C LEU D 29 -3.19 -1.71 -48.23
N ALA D 30 -3.45 -1.97 -49.50
CA ALA D 30 -3.08 -3.23 -50.14
C ALA D 30 -1.66 -3.23 -50.69
N ARG D 31 -0.92 -2.15 -50.55
CA ARG D 31 0.30 -1.97 -51.32
C ARG D 31 1.54 -2.52 -50.62
N GLY D 32 2.49 -2.99 -51.43
CA GLY D 32 3.88 -3.09 -51.01
C GLY D 32 4.10 -4.04 -49.86
N ASN D 33 4.96 -3.61 -48.92
CA ASN D 33 5.27 -4.40 -47.72
C ASN D 33 4.49 -3.97 -46.49
N ILE D 34 3.75 -2.86 -46.53
CA ILE D 34 2.97 -2.38 -45.38
C ILE D 34 1.96 -3.42 -44.88
N VAL D 35 1.71 -4.48 -45.63
CA VAL D 35 0.93 -5.61 -45.14
C VAL D 35 1.83 -6.76 -44.69
N ASP D 36 2.73 -7.23 -45.56
CA ASP D 36 3.63 -8.31 -45.16
C ASP D 36 4.53 -7.94 -44.00
N LEU D 37 4.52 -6.69 -43.57
CA LEU D 37 5.45 -6.25 -42.56
C LEU D 37 4.79 -5.61 -41.35
N ALA D 38 3.60 -5.01 -41.51
CA ALA D 38 2.84 -4.51 -40.37
C ALA D 38 2.01 -5.60 -39.72
N VAL D 39 1.34 -6.41 -40.55
CA VAL D 39 0.66 -7.61 -40.06
C VAL D 39 1.65 -8.60 -39.49
N ALA D 40 2.91 -8.57 -39.93
CA ALA D 40 3.89 -9.56 -39.48
C ALA D 40 4.48 -9.23 -38.11
N VAL D 41 4.48 -7.96 -37.73
CA VAL D 41 4.78 -7.56 -36.36
C VAL D 41 3.48 -7.51 -35.57
N VAL D 42 2.41 -8.07 -36.15
CA VAL D 42 1.19 -8.30 -35.41
C VAL D 42 1.14 -9.79 -35.05
N ILE D 43 1.79 -10.65 -35.85
CA ILE D 43 1.98 -12.05 -35.49
C ILE D 43 3.09 -12.19 -34.44
N GLY D 44 4.10 -11.33 -34.50
CA GLY D 44 5.15 -11.36 -33.50
C GLY D 44 4.62 -11.11 -32.09
N THR D 45 3.93 -9.98 -31.89
CA THR D 45 3.43 -9.67 -30.55
C THR D 45 2.41 -10.70 -30.09
N ALA D 46 1.41 -10.98 -30.95
CA ALA D 46 0.29 -11.83 -30.52
C ALA D 46 0.76 -13.22 -30.11
N PHE D 47 1.65 -13.82 -30.90
CA PHE D 47 2.12 -15.17 -30.54
C PHE D 47 3.07 -15.13 -29.36
N THR D 48 3.85 -14.05 -29.23
CA THR D 48 4.77 -13.86 -28.12
C THR D 48 4.19 -12.98 -27.01
N ALA D 49 2.90 -12.63 -27.08
CA ALA D 49 2.15 -12.19 -25.91
C ALA D 49 1.24 -13.28 -25.38
N LEU D 50 1.04 -14.34 -26.17
CA LEU D 50 0.51 -15.61 -25.68
C LEU D 50 1.56 -16.36 -24.86
N VAL D 51 2.70 -16.68 -25.48
CA VAL D 51 3.62 -17.66 -24.90
C VAL D 51 4.50 -17.05 -23.81
N THR D 52 4.82 -15.76 -23.91
CA THR D 52 5.54 -15.10 -22.82
C THR D 52 4.64 -14.97 -21.59
N LYS D 53 3.38 -14.56 -21.80
CA LYS D 53 2.41 -14.44 -20.72
C LYS D 53 2.10 -15.79 -20.09
N PHE D 54 2.30 -16.87 -20.85
CA PHE D 54 2.37 -18.21 -20.29
C PHE D 54 3.58 -18.38 -19.38
N THR D 55 4.78 -18.15 -19.92
CA THR D 55 6.03 -18.39 -19.23
C THR D 55 6.01 -17.85 -17.80
N ASP D 56 5.42 -16.68 -17.60
CA ASP D 56 5.34 -16.09 -16.27
C ASP D 56 4.02 -16.40 -15.58
N SER D 57 2.99 -16.80 -16.32
CA SER D 57 1.75 -17.27 -15.70
C SER D 57 1.96 -18.59 -14.98
N ILE D 58 2.89 -19.40 -15.47
CA ILE D 58 3.00 -20.81 -15.10
C ILE D 58 4.38 -21.11 -14.50
N ILE D 59 5.44 -20.81 -15.24
CA ILE D 59 6.75 -21.36 -14.94
C ILE D 59 7.50 -20.50 -13.94
N THR D 60 7.46 -19.19 -14.11
CA THR D 60 8.18 -18.30 -13.22
C THR D 60 7.83 -18.51 -11.75
N PRO D 61 6.56 -18.72 -11.35
CA PRO D 61 6.27 -19.02 -9.94
C PRO D 61 6.54 -20.47 -9.54
N LEU D 62 6.78 -21.37 -10.50
CA LEU D 62 7.55 -22.57 -10.18
C LEU D 62 9.01 -22.22 -9.98
N ILE D 63 9.52 -21.24 -10.72
CA ILE D 63 10.87 -20.74 -10.49
C ILE D 63 10.91 -19.76 -9.35
N ASN D 64 9.78 -19.14 -9.03
CA ASN D 64 9.67 -18.35 -7.82
C ASN D 64 9.34 -19.22 -6.61
N ARG D 65 8.88 -20.46 -6.82
CA ARG D 65 8.88 -21.40 -5.72
C ARG D 65 10.29 -21.75 -5.30
N ILE D 66 11.25 -21.67 -6.24
CA ILE D 66 12.66 -21.93 -5.93
C ILE D 66 13.11 -20.97 -4.84
N GLY D 67 13.13 -19.68 -5.14
CA GLY D 67 13.22 -18.69 -4.09
C GLY D 67 14.57 -18.46 -3.43
N VAL D 68 15.39 -19.52 -3.30
CA VAL D 68 16.60 -19.49 -2.46
C VAL D 68 17.59 -18.47 -3.02
N ASN D 69 17.23 -17.85 -4.14
CA ASN D 69 18.05 -16.85 -4.81
C ASN D 69 18.03 -15.53 -4.06
N ALA D 70 18.76 -14.55 -4.62
CA ALA D 70 18.66 -13.14 -4.26
C ALA D 70 19.18 -12.85 -2.85
N GLN D 71 20.43 -13.25 -2.58
CA GLN D 71 21.10 -12.80 -1.36
C GLN D 71 21.17 -11.28 -1.34
N SER D 72 20.91 -10.72 -0.16
CA SER D 72 20.63 -9.29 -0.03
C SER D 72 21.74 -8.43 -0.60
N ASP D 73 21.39 -7.19 -0.92
CA ASP D 73 22.30 -6.24 -1.56
C ASP D 73 22.18 -4.90 -0.85
N VAL D 74 23.21 -4.55 -0.07
CA VAL D 74 23.17 -3.37 0.78
C VAL D 74 23.47 -2.13 -0.05
N GLY D 75 22.43 -1.48 -0.53
CA GLY D 75 22.55 -0.21 -1.21
C GLY D 75 21.91 0.90 -0.40
N ILE D 76 22.73 1.81 0.10
CA ILE D 76 22.27 2.92 0.93
C ILE D 76 22.12 4.14 0.03
N LEU D 77 20.87 4.42 -0.36
CA LEU D 77 20.57 5.58 -1.19
C LEU D 77 20.80 6.86 -0.38
N ARG D 78 21.40 7.88 -1.02
CA ARG D 78 21.54 9.16 -0.35
C ARG D 78 20.18 9.85 -0.20
N ILE D 79 19.11 9.24 -0.72
CA ILE D 79 17.76 9.74 -0.50
C ILE D 79 17.16 9.15 0.77
N GLY D 80 17.67 8.02 1.23
CA GLY D 80 17.29 7.53 2.53
C GLY D 80 16.46 6.27 2.59
N ILE D 81 16.74 5.31 1.71
CA ILE D 81 16.13 3.99 1.82
C ILE D 81 17.24 3.01 2.17
N GLY D 82 17.23 2.51 3.40
CA GLY D 82 18.39 1.82 3.95
C GLY D 82 18.14 0.41 4.44
N GLY D 83 16.93 -0.11 4.23
CA GLY D 83 16.61 -1.47 4.61
C GLY D 83 17.43 -2.52 3.87
N GLY D 84 17.22 -2.67 2.56
CA GLY D 84 17.93 -3.65 1.75
C GLY D 84 17.37 -3.91 0.36
N GLN D 85 18.19 -4.52 -0.52
CA GLN D 85 17.79 -4.85 -1.89
C GLN D 85 18.18 -6.30 -2.22
N THR D 86 17.50 -6.87 -3.21
CA THR D 86 17.75 -8.24 -3.67
C THR D 86 18.54 -8.22 -4.98
N ILE D 87 19.61 -9.02 -5.05
CA ILE D 87 20.25 -9.33 -6.34
C ILE D 87 19.49 -10.48 -6.89
N ASP D 88 18.33 -10.19 -7.50
CA ASP D 88 17.24 -11.15 -7.64
C ASP D 88 17.45 -11.94 -8.92
N LEU D 89 17.73 -13.22 -8.77
CA LEU D 89 18.14 -14.04 -9.90
C LEU D 89 16.96 -14.62 -10.65
N ASN D 90 16.12 -15.41 -9.97
CA ASN D 90 15.35 -16.46 -10.63
C ASN D 90 14.23 -15.97 -11.54
N VAL D 91 14.09 -14.66 -11.75
CA VAL D 91 13.33 -14.23 -12.92
C VAL D 91 14.22 -14.20 -14.15
N LEU D 92 15.53 -14.04 -13.99
CA LEU D 92 16.47 -14.39 -15.06
C LEU D 92 16.24 -15.83 -15.51
N LEU D 93 16.19 -16.76 -14.55
CA LEU D 93 15.92 -18.15 -14.90
C LEU D 93 14.59 -18.27 -15.61
N SER D 94 13.66 -17.37 -15.32
CA SER D 94 12.37 -17.28 -16.01
C SER D 94 12.42 -16.35 -17.21
N ALA D 95 13.60 -15.94 -17.64
CA ALA D 95 13.84 -15.32 -18.94
C ALA D 95 14.43 -16.30 -19.94
N ALA D 96 15.31 -17.19 -19.50
CA ALA D 96 15.65 -18.36 -20.32
C ALA D 96 14.40 -19.18 -20.60
N ILE D 97 13.52 -19.30 -19.60
CA ILE D 97 12.20 -19.90 -19.81
C ILE D 97 11.41 -19.07 -20.82
N ASN D 98 11.74 -17.78 -20.96
CA ASN D 98 11.02 -16.91 -21.86
C ASN D 98 11.56 -17.03 -23.30
N PHE D 99 12.89 -17.17 -23.46
CA PHE D 99 13.48 -17.32 -24.80
C PHE D 99 13.37 -18.74 -25.35
N PHE D 100 13.47 -19.74 -24.47
CA PHE D 100 13.48 -21.12 -24.96
C PHE D 100 12.10 -21.55 -25.42
N LEU D 101 11.08 -21.41 -24.56
CA LEU D 101 9.75 -21.93 -24.84
C LEU D 101 8.95 -21.07 -25.82
N ILE D 102 9.42 -19.89 -26.19
CA ILE D 102 8.94 -19.27 -27.43
C ILE D 102 9.51 -20.02 -28.62
N ALA D 103 10.79 -20.37 -28.56
CA ALA D 103 11.49 -21.00 -29.68
C ALA D 103 11.11 -22.46 -29.89
N PHE D 104 10.27 -23.04 -29.04
CA PHE D 104 9.76 -24.40 -29.28
C PHE D 104 8.31 -24.41 -29.73
N ALA D 105 7.46 -23.56 -29.15
CA ALA D 105 6.08 -23.47 -29.59
C ALA D 105 5.99 -22.94 -31.02
N VAL D 106 6.96 -22.14 -31.44
CA VAL D 106 7.02 -21.70 -32.82
C VAL D 106 7.80 -22.68 -33.69
N TYR D 107 8.63 -23.54 -33.08
CA TYR D 107 9.38 -24.54 -33.81
C TYR D 107 8.51 -25.69 -34.29
N PHE D 108 7.28 -25.80 -33.79
CA PHE D 108 6.37 -26.89 -34.15
C PHE D 108 5.15 -26.42 -34.93
N LEU D 109 4.43 -25.41 -34.44
CA LEU D 109 3.27 -24.91 -35.17
C LEU D 109 3.67 -24.26 -36.49
N VAL D 110 4.79 -23.54 -36.49
CA VAL D 110 5.17 -22.74 -37.64
C VAL D 110 6.34 -23.35 -38.43
N VAL D 111 7.21 -24.13 -37.79
CA VAL D 111 8.42 -24.60 -38.46
C VAL D 111 8.26 -26.04 -38.96
N LEU D 112 7.55 -26.87 -38.21
CA LEU D 112 7.44 -28.27 -38.59
C LEU D 112 6.64 -28.48 -39.87
N PRO D 113 5.55 -27.74 -40.11
CA PRO D 113 4.90 -27.81 -41.43
C PRO D 113 5.44 -26.86 -42.49
N TYR D 114 6.45 -26.04 -42.19
CA TYR D 114 7.10 -25.20 -43.19
C TYR D 114 8.48 -25.73 -43.57
N ASN D 115 9.36 -25.95 -42.59
CA ASN D 115 10.71 -26.41 -42.89
C ASN D 115 10.71 -27.82 -43.48
N THR D 116 9.69 -28.61 -43.18
CA THR D 116 9.59 -29.96 -43.76
C THR D 116 8.82 -29.93 -45.07
N LEU E 22 16.34 20.43 -43.28
CA LEU E 22 15.11 19.74 -43.65
C LEU E 22 15.34 18.79 -44.82
N LYS E 23 16.51 18.92 -45.44
CA LYS E 23 16.86 18.11 -46.60
C LYS E 23 17.42 16.74 -46.20
N GLY E 24 18.22 16.69 -45.12
CA GLY E 24 18.71 15.40 -44.67
C GLY E 24 17.63 14.52 -44.09
N PHE E 25 16.57 15.12 -43.56
CA PHE E 25 15.48 14.38 -42.95
C PHE E 25 14.41 13.98 -43.96
N LYS E 26 13.98 14.93 -44.80
CA LYS E 26 12.81 14.75 -45.66
C LYS E 26 13.19 14.33 -47.08
N GLU E 27 14.42 13.85 -47.30
CA GLU E 27 14.80 13.20 -48.55
C GLU E 27 15.52 11.87 -48.37
N PHE E 28 15.97 11.55 -47.16
CA PHE E 28 16.43 10.21 -46.84
C PHE E 28 15.28 9.30 -46.43
N LEU E 29 14.09 9.88 -46.23
CA LEU E 29 12.93 9.13 -45.79
C LEU E 29 12.28 8.37 -46.95
N ALA E 30 12.10 9.03 -48.11
CA ALA E 30 11.44 8.44 -49.30
C ALA E 30 12.27 7.39 -49.99
N ARG E 31 13.39 6.98 -49.41
CA ARG E 31 14.32 6.06 -50.05
C ARG E 31 14.16 4.66 -49.47
N GLY E 32 14.20 3.66 -50.35
CA GLY E 32 14.20 2.29 -49.89
C GLY E 32 12.89 1.91 -49.21
N ASN E 33 13.01 1.20 -48.10
CA ASN E 33 11.86 0.57 -47.44
C ASN E 33 11.53 1.16 -46.06
N ILE E 34 12.15 2.28 -45.66
CA ILE E 34 11.89 2.83 -44.33
C ILE E 34 10.42 3.18 -44.15
N VAL E 35 9.80 3.80 -45.16
CA VAL E 35 8.39 4.16 -45.07
C VAL E 35 7.49 2.92 -45.00
N ASP E 36 7.82 1.88 -45.78
CA ASP E 36 6.99 0.68 -45.79
C ASP E 36 7.20 -0.14 -44.53
N LEU E 37 8.39 -0.05 -43.93
CA LEU E 37 8.75 -0.91 -42.80
C LEU E 37 8.53 -0.23 -41.46
N ALA E 38 8.80 1.07 -41.35
CA ALA E 38 8.63 1.74 -40.07
C ALA E 38 7.16 1.99 -39.79
N VAL E 39 6.46 2.61 -40.74
CA VAL E 39 5.03 2.80 -40.59
C VAL E 39 4.36 1.46 -40.37
N ALA E 40 4.99 0.37 -40.84
CA ALA E 40 4.43 -0.95 -40.59
C ALA E 40 4.50 -1.32 -39.11
N VAL E 41 5.70 -1.31 -38.52
CA VAL E 41 5.80 -1.53 -37.08
C VAL E 41 5.14 -0.42 -36.28
N VAL E 42 4.85 0.71 -36.93
CA VAL E 42 3.91 1.65 -36.34
C VAL E 42 2.51 1.04 -36.38
N ILE E 43 2.17 0.31 -37.45
CA ILE E 43 0.89 -0.40 -37.51
C ILE E 43 0.88 -1.57 -36.56
N GLY E 44 1.93 -2.38 -36.57
CA GLY E 44 1.99 -3.56 -35.72
C GLY E 44 1.64 -3.30 -34.26
N THR E 45 2.42 -2.43 -33.61
CA THR E 45 2.19 -2.10 -32.21
C THR E 45 0.89 -1.34 -32.01
N ALA E 46 0.58 -0.41 -32.92
CA ALA E 46 -0.63 0.39 -32.75
C ALA E 46 -1.87 -0.50 -32.73
N PHE E 47 -1.98 -1.42 -33.69
CA PHE E 47 -3.22 -2.16 -33.87
C PHE E 47 -3.47 -3.12 -32.73
N THR E 48 -2.46 -3.88 -32.34
CA THR E 48 -2.61 -4.82 -31.23
C THR E 48 -2.74 -4.10 -29.89
N ALA E 49 -2.32 -2.83 -29.82
CA ALA E 49 -2.60 -2.01 -28.64
C ALA E 49 -4.08 -1.74 -28.49
N LEU E 50 -4.85 -1.79 -29.57
CA LEU E 50 -6.31 -1.72 -29.54
C LEU E 50 -6.95 -3.08 -29.28
N VAL E 51 -6.24 -4.16 -29.55
CA VAL E 51 -6.79 -5.51 -29.52
C VAL E 51 -6.34 -6.29 -28.29
N THR E 52 -5.05 -6.21 -27.95
CA THR E 52 -4.58 -6.86 -26.74
C THR E 52 -5.18 -6.21 -25.50
N LYS E 53 -5.42 -4.90 -25.53
CA LYS E 53 -5.98 -4.26 -24.34
C LYS E 53 -7.48 -4.54 -24.24
N PHE E 54 -8.17 -4.66 -25.38
CA PHE E 54 -9.48 -5.26 -25.42
C PHE E 54 -9.46 -6.63 -24.76
N THR E 55 -8.47 -7.46 -25.10
CA THR E 55 -8.30 -8.75 -24.44
C THR E 55 -8.26 -8.59 -22.92
N ASP E 56 -7.34 -7.76 -22.44
CA ASP E 56 -7.04 -7.74 -21.02
C ASP E 56 -7.95 -6.81 -20.21
N SER E 57 -8.62 -5.84 -20.84
CA SER E 57 -9.53 -5.03 -20.05
C SER E 57 -10.92 -5.63 -19.99
N ILE E 58 -11.41 -6.20 -21.09
CA ILE E 58 -12.77 -6.72 -21.12
C ILE E 58 -12.83 -8.14 -20.62
N ILE E 59 -11.85 -8.97 -20.98
CA ILE E 59 -12.00 -10.42 -20.93
C ILE E 59 -11.13 -11.06 -19.87
N THR E 60 -9.84 -10.74 -19.85
CA THR E 60 -8.92 -11.20 -18.80
C THR E 60 -9.57 -11.05 -17.41
N PRO E 61 -10.36 -10.01 -17.13
CA PRO E 61 -11.07 -9.97 -15.83
C PRO E 61 -12.38 -10.77 -15.78
N LEU E 62 -12.90 -11.25 -16.90
CA LEU E 62 -13.78 -12.41 -16.85
C LEU E 62 -12.98 -13.69 -16.67
N ILE E 63 -11.71 -13.65 -17.05
CA ILE E 63 -10.84 -14.80 -16.86
C ILE E 63 -10.31 -14.86 -15.45
N ASN E 64 -10.24 -13.73 -14.75
CA ASN E 64 -10.05 -13.78 -13.32
C ASN E 64 -11.34 -14.16 -12.60
N ARG E 65 -12.46 -14.22 -13.32
CA ARG E 65 -13.69 -14.80 -12.77
C ARG E 65 -13.69 -16.32 -12.82
N ILE E 66 -12.78 -16.94 -13.59
CA ILE E 66 -12.55 -18.38 -13.45
C ILE E 66 -12.21 -18.71 -12.00
N GLY E 67 -11.29 -17.94 -11.42
CA GLY E 67 -11.05 -17.92 -9.99
C GLY E 67 -10.16 -19.03 -9.47
N VAL E 68 -10.65 -20.27 -9.53
CA VAL E 68 -9.90 -21.35 -8.93
C VAL E 68 -8.77 -21.70 -9.87
N ASN E 69 -7.67 -20.97 -9.77
CA ASN E 69 -6.40 -21.42 -10.31
C ASN E 69 -5.37 -21.40 -9.23
N ALA E 70 -4.27 -22.07 -9.56
CA ALA E 70 -2.95 -21.83 -8.98
C ALA E 70 -2.94 -22.12 -7.47
N GLN E 71 -3.14 -23.39 -7.16
CA GLN E 71 -3.02 -23.82 -5.78
C GLN E 71 -1.67 -23.35 -5.24
N SER E 72 -1.68 -22.89 -3.99
CA SER E 72 -0.54 -22.18 -3.44
C SER E 72 0.75 -22.97 -3.64
N ASP E 73 1.83 -22.27 -3.91
CA ASP E 73 3.07 -22.93 -4.27
C ASP E 73 4.07 -22.66 -3.14
N VAL E 74 4.27 -23.65 -2.28
CA VAL E 74 5.11 -23.47 -1.10
C VAL E 74 6.56 -23.35 -1.55
N GLY E 75 7.05 -22.12 -1.63
CA GLY E 75 8.41 -21.88 -2.04
C GLY E 75 9.26 -21.19 -1.00
N ILE E 76 10.26 -21.90 -0.47
CA ILE E 76 11.10 -21.40 0.62
C ILE E 76 12.18 -20.48 0.05
N LEU E 77 12.12 -19.20 0.40
CA LEU E 77 13.19 -18.26 0.10
C LEU E 77 14.12 -18.16 1.32
N ARG E 78 15.42 -18.27 1.08
CA ARG E 78 16.39 -18.07 2.14
C ARG E 78 16.49 -16.57 2.58
N ILE E 79 15.56 -15.71 2.14
CA ILE E 79 15.72 -14.26 2.21
C ILE E 79 14.50 -13.53 2.74
N GLY E 80 13.39 -14.21 3.05
CA GLY E 80 12.33 -13.51 3.78
C GLY E 80 10.86 -13.60 3.41
N ILE E 81 10.45 -14.51 2.53
CA ILE E 81 9.04 -14.61 2.12
C ILE E 81 8.57 -16.05 2.32
N GLY E 82 7.67 -16.26 3.27
CA GLY E 82 7.29 -17.61 3.64
C GLY E 82 5.81 -17.88 3.83
N GLY E 83 4.95 -17.24 3.04
CA GLY E 83 3.50 -17.35 3.23
C GLY E 83 2.69 -18.01 2.13
N GLY E 84 3.22 -18.03 0.90
CA GLY E 84 2.55 -18.69 -0.21
C GLY E 84 2.91 -18.07 -1.55
N GLN E 85 2.64 -18.82 -2.61
CA GLN E 85 2.89 -18.39 -3.99
C GLN E 85 1.76 -18.87 -4.88
N THR E 86 1.18 -17.93 -5.62
CA THR E 86 0.15 -18.23 -6.61
C THR E 86 0.78 -18.26 -8.00
N ILE E 87 0.33 -19.20 -8.83
CA ILE E 87 0.87 -19.43 -10.17
C ILE E 87 -0.28 -19.33 -11.18
N ASP E 88 -0.78 -18.13 -11.48
CA ASP E 88 -2.16 -18.01 -11.93
C ASP E 88 -2.30 -18.35 -13.40
N LEU E 89 -3.05 -19.41 -13.67
CA LEU E 89 -3.38 -19.85 -15.00
C LEU E 89 -4.43 -18.95 -15.66
N ASN E 90 -5.11 -18.10 -14.89
CA ASN E 90 -6.00 -17.10 -15.47
C ASN E 90 -5.33 -16.36 -16.61
N VAL E 91 -4.12 -15.86 -16.37
CA VAL E 91 -3.51 -14.97 -17.32
C VAL E 91 -2.90 -15.72 -18.50
N LEU E 92 -2.62 -17.02 -18.34
CA LEU E 92 -2.36 -17.88 -19.49
C LEU E 92 -3.61 -18.04 -20.36
N LEU E 93 -4.73 -18.42 -19.75
CA LEU E 93 -5.99 -18.52 -20.49
C LEU E 93 -6.37 -17.16 -21.07
N SER E 94 -5.93 -16.08 -20.41
CA SER E 94 -6.10 -14.74 -20.96
C SER E 94 -5.13 -14.48 -22.11
N ALA E 95 -3.93 -15.05 -22.05
CA ALA E 95 -3.00 -14.96 -23.18
C ALA E 95 -3.52 -15.73 -24.39
N ALA E 96 -4.28 -16.80 -24.14
CA ALA E 96 -4.98 -17.45 -25.24
C ALA E 96 -6.02 -16.53 -25.83
N ILE E 97 -6.59 -15.64 -25.01
CA ILE E 97 -7.44 -14.55 -25.50
C ILE E 97 -6.60 -13.43 -26.07
N ASN E 98 -5.29 -13.49 -25.90
CA ASN E 98 -4.39 -12.45 -26.39
C ASN E 98 -3.86 -12.75 -27.78
N PHE E 99 -3.78 -14.03 -28.16
CA PHE E 99 -3.36 -14.43 -29.50
C PHE E 99 -4.53 -14.76 -30.43
N PHE E 100 -5.59 -15.41 -29.92
CA PHE E 100 -6.73 -15.68 -30.79
C PHE E 100 -7.39 -14.40 -31.26
N LEU E 101 -7.60 -13.44 -30.36
CA LEU E 101 -8.38 -12.26 -30.73
C LEU E 101 -7.61 -11.24 -31.56
N ILE E 102 -6.28 -11.26 -31.53
CA ILE E 102 -5.57 -10.41 -32.49
C ILE E 102 -5.73 -10.99 -33.90
N ALA E 103 -5.92 -12.31 -34.00
CA ALA E 103 -6.07 -12.97 -35.29
C ALA E 103 -7.34 -12.54 -36.02
N PHE E 104 -8.43 -12.28 -35.28
CA PHE E 104 -9.69 -11.93 -35.93
C PHE E 104 -9.69 -10.48 -36.40
N ALA E 105 -9.12 -9.57 -35.60
CA ALA E 105 -9.17 -8.15 -35.91
C ALA E 105 -8.33 -7.82 -37.14
N VAL E 106 -7.23 -8.55 -37.34
CA VAL E 106 -6.40 -8.32 -38.51
C VAL E 106 -6.97 -9.06 -39.73
N TYR E 107 -7.68 -10.17 -39.53
CA TYR E 107 -8.26 -10.92 -40.64
C TYR E 107 -9.47 -10.20 -41.25
N PHE E 108 -10.18 -9.40 -40.46
CA PHE E 108 -11.43 -8.79 -40.95
C PHE E 108 -11.20 -7.44 -41.63
N LEU E 109 -10.36 -6.58 -41.05
CA LEU E 109 -10.17 -5.23 -41.58
C LEU E 109 -9.10 -5.14 -42.66
N VAL E 110 -8.14 -6.06 -42.67
CA VAL E 110 -7.02 -6.00 -43.59
C VAL E 110 -7.07 -7.08 -44.67
N VAL E 111 -7.69 -8.23 -44.40
CA VAL E 111 -7.56 -9.41 -45.25
C VAL E 111 -8.81 -9.63 -46.11
N LEU E 112 -10.00 -9.41 -45.55
CA LEU E 112 -11.23 -9.70 -46.31
C LEU E 112 -11.32 -8.90 -47.62
N PRO E 113 -10.97 -7.61 -47.69
CA PRO E 113 -10.89 -6.95 -49.00
C PRO E 113 -9.56 -7.14 -49.73
N TYR E 114 -8.54 -7.70 -49.08
CA TYR E 114 -7.23 -7.93 -49.69
C TYR E 114 -7.05 -9.36 -50.16
N ASN E 115 -7.36 -10.34 -49.31
CA ASN E 115 -7.34 -11.74 -49.74
C ASN E 115 -8.37 -12.01 -50.83
N THR E 116 -9.42 -11.20 -50.88
CA THR E 116 -10.41 -11.28 -51.94
C THR E 116 -10.02 -10.35 -53.08
N LEU F 22 -37.82 6.65 32.81
CA LEU F 22 -36.83 7.71 32.98
C LEU F 22 -36.22 7.67 34.37
N LYS F 23 -37.07 7.52 35.39
CA LYS F 23 -36.62 7.65 36.76
C LYS F 23 -35.50 6.67 37.09
N GLY F 24 -35.49 5.50 36.43
CA GLY F 24 -34.40 4.57 36.65
C GLY F 24 -33.03 5.11 36.32
N PHE F 25 -32.95 6.26 35.66
CA PHE F 25 -31.68 6.78 35.14
C PHE F 25 -31.21 8.07 35.81
N LYS F 26 -32.07 9.10 35.89
CA LYS F 26 -31.59 10.43 36.29
C LYS F 26 -31.55 10.65 37.80
N GLU F 27 -32.28 9.88 38.60
CA GLU F 27 -32.18 10.02 40.04
C GLU F 27 -31.37 8.91 40.70
N PHE F 28 -31.04 7.84 39.97
CA PHE F 28 -29.96 6.96 40.38
C PHE F 28 -28.62 7.48 39.87
N LEU F 29 -28.61 8.73 39.39
CA LEU F 29 -27.44 9.44 38.89
C LEU F 29 -26.78 10.32 39.93
N ALA F 30 -27.50 10.76 40.96
CA ALA F 30 -27.00 11.73 41.92
C ALA F 30 -26.43 11.12 43.19
N ARG F 31 -26.08 9.83 43.17
CA ARG F 31 -25.73 9.07 44.37
C ARG F 31 -24.23 8.74 44.42
N GLY F 32 -23.62 9.00 45.58
CA GLY F 32 -22.34 8.35 45.90
C GLY F 32 -21.16 8.93 45.13
N ASN F 33 -20.26 8.03 44.70
CA ASN F 33 -18.98 8.45 44.10
C ASN F 33 -18.97 8.54 42.57
N ILE F 34 -19.96 7.97 41.87
CA ILE F 34 -19.89 7.85 40.40
C ILE F 34 -19.72 9.21 39.74
N VAL F 35 -20.50 10.21 40.17
CA VAL F 35 -20.40 11.54 39.56
C VAL F 35 -18.97 12.07 39.65
N ASP F 36 -18.37 11.99 40.83
CA ASP F 36 -16.98 12.41 40.97
C ASP F 36 -16.05 11.47 40.21
N LEU F 37 -16.42 10.19 40.09
CA LEU F 37 -15.52 9.19 39.54
C LEU F 37 -15.71 8.97 38.04
N ALA F 38 -16.95 8.96 37.53
CA ALA F 38 -17.19 8.63 36.12
C ALA F 38 -16.75 9.75 35.20
N VAL F 39 -17.11 10.99 35.53
CA VAL F 39 -16.68 12.13 34.73
C VAL F 39 -15.20 12.46 34.97
N ALA F 40 -14.61 12.01 36.09
CA ALA F 40 -13.19 12.30 36.29
C ALA F 40 -12.29 11.46 35.39
N VAL F 41 -12.77 10.34 34.86
CA VAL F 41 -12.07 9.70 33.75
C VAL F 41 -12.59 10.19 32.40
N VAL F 42 -13.65 11.00 32.39
CA VAL F 42 -13.91 11.87 31.26
C VAL F 42 -12.95 13.06 31.27
N ILE F 43 -12.32 13.35 32.41
CA ILE F 43 -11.23 14.32 32.51
C ILE F 43 -9.88 13.66 32.26
N GLY F 44 -9.69 12.41 32.71
CA GLY F 44 -8.43 11.73 32.47
C GLY F 44 -8.17 11.49 30.99
N THR F 45 -9.23 11.18 30.22
CA THR F 45 -9.09 10.92 28.80
C THR F 45 -9.09 12.20 27.98
N ALA F 46 -10.10 13.06 28.18
CA ALA F 46 -10.32 14.18 27.27
C ALA F 46 -9.22 15.23 27.36
N PHE F 47 -8.69 15.50 28.56
CA PHE F 47 -7.60 16.47 28.67
C PHE F 47 -6.31 15.93 28.05
N THR F 48 -5.91 14.71 28.43
CA THR F 48 -4.78 14.08 27.76
C THR F 48 -5.18 13.50 26.40
N ALA F 49 -6.29 13.99 25.84
CA ALA F 49 -6.65 13.90 24.43
C ALA F 49 -6.15 15.12 23.66
N LEU F 50 -6.29 16.29 24.25
CA LEU F 50 -5.65 17.50 23.76
C LEU F 50 -4.13 17.40 23.87
N VAL F 51 -3.62 17.31 25.11
CA VAL F 51 -2.20 17.48 25.39
C VAL F 51 -1.35 16.36 24.80
N THR F 52 -1.93 15.19 24.53
CA THR F 52 -1.15 14.08 23.99
C THR F 52 -1.07 14.14 22.46
N LYS F 53 -2.21 14.27 21.79
CA LYS F 53 -2.20 14.52 20.35
C LYS F 53 -1.46 15.80 20.04
N PHE F 54 -1.53 16.77 20.95
CA PHE F 54 -0.60 17.89 20.97
C PHE F 54 0.85 17.44 20.86
N THR F 55 1.21 16.41 21.62
CA THR F 55 2.59 15.92 21.62
C THR F 55 2.88 15.01 20.44
N ASP F 56 1.87 14.32 19.91
CA ASP F 56 2.12 13.39 18.82
C ASP F 56 2.02 14.07 17.46
N SER F 57 1.46 15.27 17.42
CA SER F 57 1.31 16.00 16.18
C SER F 57 2.21 17.23 16.12
N ILE F 58 2.44 17.88 17.25
CA ILE F 58 3.32 19.04 17.23
C ILE F 58 4.78 18.61 17.42
N ILE F 59 5.04 17.66 18.34
CA ILE F 59 6.36 17.50 18.93
C ILE F 59 7.07 16.24 18.45
N THR F 60 6.40 15.09 18.51
CA THR F 60 6.99 13.87 17.99
C THR F 60 7.55 14.03 16.58
N PRO F 61 6.94 14.81 15.67
CA PRO F 61 7.62 15.11 14.40
C PRO F 61 8.97 15.77 14.57
N LEU F 62 9.06 16.84 15.38
CA LEU F 62 10.38 17.43 15.67
C LEU F 62 11.39 16.38 16.09
N ILE F 63 10.92 15.29 16.70
CA ILE F 63 11.81 14.24 17.16
C ILE F 63 12.16 13.25 16.06
N ASN F 64 11.43 13.27 14.96
CA ASN F 64 11.79 12.47 13.80
C ASN F 64 12.79 13.19 12.90
N ARG F 65 12.80 14.53 12.92
CA ARG F 65 13.91 15.24 12.30
C ARG F 65 15.22 14.77 12.88
N ILE F 66 15.21 14.38 14.14
CA ILE F 66 16.40 13.79 14.76
C ILE F 66 16.86 12.58 13.96
N GLY F 67 16.03 11.55 13.93
CA GLY F 67 16.35 10.35 13.19
C GLY F 67 17.71 9.78 13.45
N VAL F 68 18.01 9.50 14.71
CA VAL F 68 19.10 8.62 15.07
C VAL F 68 18.57 7.23 15.40
N ASN F 69 17.32 6.97 15.04
CA ASN F 69 16.51 5.84 15.50
C ASN F 69 16.13 5.00 14.29
N ALA F 70 15.39 3.92 14.58
CA ALA F 70 15.16 2.80 13.70
C ALA F 70 16.46 2.09 13.34
N GLN F 71 17.49 2.19 14.18
CA GLN F 71 18.79 1.56 13.92
C GLN F 71 18.62 0.06 13.77
N SER F 72 18.76 -0.44 12.54
CA SER F 72 18.12 -1.70 12.16
C SER F 72 18.55 -2.86 13.06
N ASP F 73 17.62 -3.80 13.24
CA ASP F 73 17.85 -5.11 13.79
C ASP F 73 17.50 -6.12 12.69
N VAL F 74 17.77 -7.40 12.92
CA VAL F 74 17.57 -8.41 11.88
C VAL F 74 16.98 -9.68 12.49
N GLY F 75 15.77 -10.03 12.06
CA GLY F 75 15.07 -11.15 12.66
C GLY F 75 14.62 -12.27 11.74
N ILE F 76 15.21 -13.45 11.88
CA ILE F 76 14.85 -14.60 11.03
C ILE F 76 13.67 -15.28 11.67
N LEU F 77 12.48 -14.73 11.42
CA LEU F 77 11.26 -15.44 11.75
C LEU F 77 11.17 -16.67 10.86
N ARG F 78 10.76 -17.80 11.43
CA ARG F 78 10.59 -18.97 10.57
C ARG F 78 9.48 -18.74 9.55
N ILE F 79 8.68 -17.68 9.74
CA ILE F 79 7.66 -17.26 8.78
C ILE F 79 8.24 -16.38 7.69
N GLY F 80 9.49 -15.95 7.83
CA GLY F 80 10.23 -15.39 6.73
C GLY F 80 10.53 -13.92 6.89
N ILE F 81 9.56 -13.13 7.36
CA ILE F 81 9.69 -11.69 7.20
C ILE F 81 10.86 -11.27 8.06
N GLY F 82 12.05 -11.20 7.45
CA GLY F 82 13.29 -11.05 8.18
C GLY F 82 14.13 -10.02 7.52
N GLY F 83 13.46 -9.14 6.79
CA GLY F 83 14.25 -8.34 5.89
C GLY F 83 14.86 -7.05 6.45
N GLY F 84 14.16 -6.35 7.37
CA GLY F 84 14.60 -5.13 8.05
C GLY F 84 13.82 -4.80 9.30
N GLN F 85 14.54 -4.63 10.39
CA GLN F 85 13.89 -4.23 11.60
C GLN F 85 14.42 -2.86 12.02
N THR F 86 13.91 -2.41 13.16
CA THR F 86 14.14 -1.06 13.67
C THR F 86 13.96 -1.14 15.17
N ILE F 87 14.95 -0.66 15.95
CA ILE F 87 14.88 -0.63 17.43
C ILE F 87 14.88 0.82 17.84
N ASP F 88 13.71 1.38 18.10
CA ASP F 88 13.54 2.83 18.17
C ASP F 88 13.89 3.37 19.54
N LEU F 89 14.12 4.69 19.59
CA LEU F 89 14.58 5.34 20.80
C LEU F 89 14.03 6.74 21.03
N ASN F 90 13.42 7.40 20.03
CA ASN F 90 12.94 8.76 20.24
C ASN F 90 11.41 8.89 20.31
N VAL F 91 10.66 7.90 19.81
CA VAL F 91 9.23 7.87 20.13
C VAL F 91 9.07 7.73 21.64
N LEU F 92 9.96 6.95 22.27
CA LEU F 92 10.26 7.10 23.68
C LEU F 92 10.41 8.57 24.06
N LEU F 93 11.43 9.23 23.50
CA LEU F 93 11.61 10.65 23.76
C LEU F 93 10.38 11.44 23.36
N SER F 94 9.63 10.94 22.38
CA SER F 94 8.43 11.63 21.97
C SER F 94 7.28 11.45 22.94
N ALA F 95 7.09 10.24 23.50
CA ALA F 95 6.19 10.08 24.64
C ALA F 95 6.86 10.41 25.96
N ALA F 96 8.15 10.74 25.93
CA ALA F 96 8.71 11.53 27.02
C ALA F 96 8.21 12.96 26.95
N ILE F 97 8.05 13.50 25.74
CA ILE F 97 7.44 14.81 25.60
C ILE F 97 5.96 14.72 25.98
N ASN F 98 5.36 13.53 25.83
CA ASN F 98 3.97 13.34 26.22
C ASN F 98 3.80 13.60 27.72
N PHE F 99 4.69 13.02 28.53
CA PHE F 99 4.56 13.10 29.98
C PHE F 99 4.92 14.50 30.52
N PHE F 100 5.96 15.13 29.95
CA PHE F 100 6.36 16.46 30.41
C PHE F 100 5.27 17.52 30.20
N LEU F 101 4.72 17.60 29.00
CA LEU F 101 3.81 18.69 28.68
C LEU F 101 2.38 18.45 29.17
N ILE F 102 2.04 17.23 29.59
CA ILE F 102 0.93 17.08 30.50
C ILE F 102 1.27 17.71 31.84
N ALA F 103 2.53 17.57 32.28
CA ALA F 103 2.99 18.09 33.57
C ALA F 103 3.39 19.55 33.52
N PHE F 104 3.56 20.13 32.35
CA PHE F 104 3.59 21.58 32.26
C PHE F 104 2.21 22.16 32.00
N ALA F 105 1.23 21.30 31.74
CA ALA F 105 -0.17 21.70 31.60
C ALA F 105 -0.92 21.57 32.93
N VAL F 106 -0.92 20.35 33.50
CA VAL F 106 -1.72 20.06 34.69
C VAL F 106 -1.32 20.93 35.87
N TYR F 107 -0.13 21.52 35.83
CA TYR F 107 0.38 22.33 36.93
C TYR F 107 -0.16 23.75 36.95
N PHE F 108 -0.85 24.19 35.89
CA PHE F 108 -1.23 25.59 35.75
C PHE F 108 -2.73 25.87 35.83
N LEU F 109 -3.59 25.01 35.26
CA LEU F 109 -5.03 25.25 35.28
C LEU F 109 -5.75 24.47 36.37
N VAL F 110 -5.17 23.39 36.88
CA VAL F 110 -5.76 22.59 37.95
C VAL F 110 -5.00 22.72 39.26
N VAL F 111 -3.75 23.20 39.23
CA VAL F 111 -2.90 23.30 40.40
C VAL F 111 -2.73 24.74 40.85
N LEU F 112 -2.44 25.65 39.92
CA LEU F 112 -2.14 27.02 40.30
C LEU F 112 -3.31 27.73 40.97
N PRO F 113 -4.57 27.58 40.52
CA PRO F 113 -5.70 28.13 41.30
C PRO F 113 -6.20 27.21 42.41
N TYR F 114 -5.72 25.98 42.49
CA TYR F 114 -6.09 25.08 43.58
C TYR F 114 -5.03 25.00 44.66
N ASN F 115 -3.81 24.62 44.28
CA ASN F 115 -2.72 24.49 45.24
C ASN F 115 -2.41 25.82 45.92
N THR F 116 -2.94 26.92 45.38
CA THR F 116 -2.96 28.20 46.08
C THR F 116 -4.24 28.32 46.89
N LEU G 22 -21.94 -19.52 41.05
CA LEU G 22 -22.75 -18.32 40.88
C LEU G 22 -22.66 -17.39 42.10
N LYS G 23 -22.00 -17.82 43.18
CA LYS G 23 -21.88 -16.98 44.38
C LYS G 23 -20.68 -16.03 44.32
N GLY G 24 -19.57 -16.48 43.74
CA GLY G 24 -18.33 -15.71 43.86
C GLY G 24 -18.41 -14.35 43.17
N PHE G 25 -18.95 -14.32 41.95
CA PHE G 25 -18.84 -13.12 41.13
C PHE G 25 -19.90 -12.08 41.49
N LYS G 26 -21.19 -12.44 41.34
CA LYS G 26 -22.26 -11.45 41.46
C LYS G 26 -22.49 -10.98 42.90
N GLU G 27 -22.02 -11.71 43.90
CA GLU G 27 -22.10 -11.27 45.29
C GLU G 27 -20.83 -10.58 45.80
N PHE G 28 -19.72 -10.73 45.09
CA PHE G 28 -18.56 -9.87 45.33
C PHE G 28 -18.54 -8.69 44.37
N LEU G 29 -19.36 -8.73 43.31
CA LEU G 29 -19.62 -7.53 42.49
C LEU G 29 -20.33 -6.46 43.31
N ALA G 30 -21.47 -6.80 43.89
CA ALA G 30 -22.26 -5.85 44.66
C ALA G 30 -21.62 -5.45 46.01
N ARG G 31 -20.39 -5.84 46.36
CA ARG G 31 -19.74 -5.45 47.61
C ARG G 31 -18.81 -4.27 47.33
N GLY G 32 -18.92 -3.22 48.16
CA GLY G 32 -17.92 -2.18 48.16
C GLY G 32 -17.93 -1.27 46.95
N ASN G 33 -16.76 -0.88 46.48
CA ASN G 33 -16.62 0.16 45.48
C ASN G 33 -16.17 -0.37 44.11
N ILE G 34 -16.51 -1.62 43.82
CA ILE G 34 -16.26 -2.17 42.49
C ILE G 34 -17.40 -1.91 41.50
N VAL G 35 -18.65 -1.80 41.98
CA VAL G 35 -19.73 -1.40 41.08
C VAL G 35 -19.79 0.11 40.90
N ASP G 36 -19.26 0.88 41.86
CA ASP G 36 -19.26 2.33 41.72
C ASP G 36 -18.19 2.79 40.75
N LEU G 37 -17.13 2.00 40.58
CA LEU G 37 -15.98 2.42 39.79
C LEU G 37 -15.90 1.71 38.43
N ALA G 38 -15.96 0.38 38.41
CA ALA G 38 -15.83 -0.34 37.15
C ALA G 38 -16.94 -0.01 36.19
N VAL G 39 -18.17 0.09 36.69
CA VAL G 39 -19.26 0.57 35.87
C VAL G 39 -18.99 2.01 35.46
N ALA G 40 -18.32 2.77 36.33
CA ALA G 40 -18.07 4.17 36.05
C ALA G 40 -16.99 4.35 35.00
N VAL G 41 -15.84 3.68 35.14
CA VAL G 41 -14.80 3.81 34.12
C VAL G 41 -15.26 3.26 32.78
N VAL G 42 -16.20 2.32 32.78
CA VAL G 42 -16.90 2.03 31.55
C VAL G 42 -17.54 3.30 30.99
N ILE G 43 -18.19 4.08 31.87
CA ILE G 43 -18.86 5.31 31.44
C ILE G 43 -17.85 6.33 30.94
N GLY G 44 -16.79 6.58 31.71
CA GLY G 44 -15.85 7.63 31.37
C GLY G 44 -15.24 7.49 29.99
N THR G 45 -15.30 6.30 29.40
CA THR G 45 -14.87 6.09 28.03
C THR G 45 -16.02 5.77 27.08
N ALA G 46 -17.14 5.27 27.61
CA ALA G 46 -18.31 5.10 26.74
C ALA G 46 -18.83 6.44 26.26
N PHE G 47 -18.80 7.46 27.11
CA PHE G 47 -19.26 8.78 26.71
C PHE G 47 -18.21 9.53 25.91
N THR G 48 -16.95 9.46 26.32
CA THR G 48 -15.91 10.16 25.58
C THR G 48 -15.70 9.52 24.20
N ALA G 49 -15.58 8.19 24.13
CA ALA G 49 -15.43 7.52 22.83
C ALA G 49 -16.60 7.77 21.89
N LEU G 50 -17.76 8.19 22.40
CA LEU G 50 -18.74 8.85 21.57
C LEU G 50 -18.34 10.29 21.26
N VAL G 51 -18.24 11.13 22.29
CA VAL G 51 -18.13 12.57 22.07
C VAL G 51 -16.75 12.94 21.51
N THR G 52 -15.73 12.10 21.74
CA THR G 52 -14.50 12.22 20.97
C THR G 52 -14.75 11.89 19.50
N LYS G 53 -15.40 10.75 19.24
CA LYS G 53 -15.66 10.35 17.87
C LYS G 53 -16.77 11.19 17.25
N PHE G 54 -17.68 11.71 18.10
CA PHE G 54 -18.52 12.85 17.72
C PHE G 54 -17.71 14.02 17.22
N THR G 55 -16.64 14.36 17.95
CA THR G 55 -15.74 15.40 17.47
C THR G 55 -14.94 14.91 16.28
N ASP G 56 -14.34 13.72 16.38
CA ASP G 56 -13.44 13.31 15.32
C ASP G 56 -14.17 12.90 14.04
N SER G 57 -15.44 12.52 14.11
CA SER G 57 -16.15 12.20 12.87
C SER G 57 -16.25 13.42 11.96
N ILE G 58 -16.66 14.55 12.51
CA ILE G 58 -17.08 15.70 11.71
C ILE G 58 -15.98 16.76 11.67
N ILE G 59 -15.29 16.92 12.80
CA ILE G 59 -14.52 18.13 13.08
C ILE G 59 -13.10 18.05 12.57
N THR G 60 -12.43 16.93 12.82
CA THR G 60 -11.09 16.77 12.27
C THR G 60 -11.04 17.01 10.76
N PRO G 61 -11.99 16.53 9.95
CA PRO G 61 -11.92 16.86 8.50
C PRO G 61 -11.98 18.34 8.22
N LEU G 62 -12.88 19.07 8.88
CA LEU G 62 -12.98 20.52 8.65
C LEU G 62 -11.68 21.21 9.01
N ILE G 63 -11.01 20.76 10.07
CA ILE G 63 -9.73 21.36 10.39
C ILE G 63 -8.64 20.92 9.43
N ASN G 64 -8.87 19.85 8.67
CA ASN G 64 -7.99 19.52 7.56
C ASN G 64 -8.34 20.32 6.33
N ARG G 65 -9.60 20.78 6.21
CA ARG G 65 -9.86 21.76 5.16
C ARG G 65 -8.98 22.97 5.37
N ILE G 66 -8.64 23.32 6.61
CA ILE G 66 -7.85 24.54 6.70
C ILE G 66 -6.61 24.28 5.86
N GLY G 67 -6.00 23.13 6.06
CA GLY G 67 -4.83 22.71 5.29
C GLY G 67 -3.67 23.69 5.23
N VAL G 68 -3.42 24.40 6.32
CA VAL G 68 -2.33 25.36 6.36
C VAL G 68 -1.24 24.92 7.32
N ASN G 69 -1.35 23.71 7.86
CA ASN G 69 -0.32 23.36 8.83
C ASN G 69 0.65 22.35 8.21
N ALA G 70 1.57 21.83 9.03
CA ALA G 70 2.51 20.76 8.65
C ALA G 70 3.52 21.20 7.59
N GLN G 71 4.33 22.21 7.95
CA GLN G 71 5.46 22.62 7.14
C GLN G 71 6.54 21.55 7.10
N SER G 72 7.03 21.24 5.89
CA SER G 72 7.94 20.13 5.64
C SER G 72 9.12 20.08 6.61
N ASP G 73 9.57 18.87 6.96
CA ASP G 73 10.73 18.68 7.82
C ASP G 73 11.63 17.61 7.22
N VAL G 74 12.94 17.83 7.31
CA VAL G 74 13.95 16.93 6.75
C VAL G 74 14.69 16.27 7.91
N GLY G 75 14.46 14.98 8.09
CA GLY G 75 15.08 14.26 9.19
C GLY G 75 15.73 12.95 8.78
N ILE G 76 17.06 12.89 8.91
CA ILE G 76 17.86 11.78 8.41
C ILE G 76 17.83 10.67 9.46
N LEU G 77 16.84 9.78 9.38
CA LEU G 77 16.96 8.46 9.99
C LEU G 77 18.27 7.85 9.50
N ARG G 78 18.99 7.15 10.38
CA ARG G 78 20.19 6.53 9.85
C ARG G 78 19.84 5.38 8.90
N ILE G 79 18.67 4.75 9.06
CA ILE G 79 18.11 3.96 7.96
C ILE G 79 17.81 4.87 6.78
N GLY G 80 17.41 6.10 7.07
CA GLY G 80 17.33 7.09 6.03
C GLY G 80 15.93 7.52 5.70
N ILE G 81 14.87 6.87 6.20
CA ILE G 81 13.58 7.12 5.55
C ILE G 81 13.26 8.56 5.93
N GLY G 82 13.80 9.49 5.12
CA GLY G 82 13.98 10.89 5.49
C GLY G 82 13.68 11.71 4.27
N GLY G 83 12.76 11.18 3.47
CA GLY G 83 12.41 11.79 2.22
C GLY G 83 11.35 12.89 2.26
N GLY G 84 10.23 12.61 2.94
CA GLY G 84 9.23 13.62 3.25
C GLY G 84 8.70 13.45 4.66
N GLN G 85 8.18 14.55 5.18
CA GLN G 85 7.85 14.56 6.59
C GLN G 85 7.03 15.80 6.92
N THR G 86 6.28 15.68 8.02
CA THR G 86 5.39 16.75 8.45
C THR G 86 5.61 17.01 9.94
N ILE G 87 5.40 18.26 10.35
CA ILE G 87 5.23 18.59 11.76
C ILE G 87 3.81 19.11 11.95
N ASP G 88 2.85 18.20 12.07
CA ASP G 88 1.47 18.49 11.67
C ASP G 88 0.69 19.09 12.83
N LEU G 89 0.11 20.27 12.61
CA LEU G 89 -0.52 20.98 13.71
C LEU G 89 -2.03 20.71 13.79
N ASN G 90 -2.79 21.09 12.77
CA ASN G 90 -4.23 21.27 12.94
C ASN G 90 -4.98 20.01 13.37
N VAL G 91 -4.27 18.91 13.54
CA VAL G 91 -4.87 17.77 14.24
C VAL G 91 -4.71 17.94 15.75
N LEU G 92 -3.64 18.59 16.21
CA LEU G 92 -3.70 19.28 17.50
C LEU G 92 -4.95 20.12 17.60
N LEU G 93 -5.30 20.83 16.52
CA LEU G 93 -6.48 21.68 16.50
C LEU G 93 -7.78 20.88 16.50
N SER G 94 -7.72 19.58 16.19
CA SER G 94 -8.86 18.70 16.35
C SER G 94 -8.69 17.75 17.53
N ALA G 95 -7.78 18.08 18.45
CA ALA G 95 -7.71 17.50 19.79
C ALA G 95 -8.17 18.45 20.87
N ALA G 96 -8.29 19.75 20.54
CA ALA G 96 -8.90 20.71 21.44
C ALA G 96 -10.41 20.71 21.30
N ILE G 97 -10.91 20.57 20.06
CA ILE G 97 -12.33 20.41 19.85
C ILE G 97 -12.81 19.09 20.42
N ASN G 98 -11.89 18.14 20.58
CA ASN G 98 -12.18 16.90 21.28
C ASN G 98 -12.50 17.17 22.75
N PHE G 99 -11.56 17.80 23.45
CA PHE G 99 -11.74 18.07 24.87
C PHE G 99 -12.90 19.03 25.12
N PHE G 100 -13.09 20.00 24.22
CA PHE G 100 -14.10 21.03 24.45
C PHE G 100 -15.51 20.48 24.33
N LEU G 101 -15.79 19.69 23.28
CA LEU G 101 -17.15 19.18 23.13
C LEU G 101 -17.48 18.06 24.09
N ILE G 102 -16.48 17.28 24.50
CA ILE G 102 -16.70 16.40 25.65
C ILE G 102 -17.16 17.23 26.85
N ALA G 103 -16.38 18.27 27.18
CA ALA G 103 -16.80 19.19 28.25
C ALA G 103 -18.17 19.81 27.95
N PHE G 104 -18.42 20.16 26.68
CA PHE G 104 -19.71 20.74 26.31
C PHE G 104 -20.82 19.73 26.48
N ALA G 105 -20.56 18.47 26.14
CA ALA G 105 -21.55 17.41 26.31
C ALA G 105 -21.56 16.83 27.71
N VAL G 106 -20.64 17.24 28.58
CA VAL G 106 -20.62 16.78 29.96
C VAL G 106 -21.33 17.76 30.89
N TYR G 107 -20.98 19.05 30.80
CA TYR G 107 -21.61 20.04 31.69
C TYR G 107 -23.12 20.04 31.50
N PHE G 108 -23.58 20.31 30.28
CA PHE G 108 -25.01 20.48 30.06
C PHE G 108 -25.78 19.21 30.35
N LEU G 109 -25.27 18.07 29.90
CA LEU G 109 -25.97 16.80 30.08
C LEU G 109 -25.98 16.36 31.54
N VAL G 110 -24.91 16.63 32.28
CA VAL G 110 -24.73 16.04 33.60
C VAL G 110 -24.69 17.05 34.73
N VAL G 111 -24.44 18.34 34.46
CA VAL G 111 -24.26 19.32 35.53
C VAL G 111 -25.49 20.21 35.71
N LEU G 112 -25.99 20.81 34.63
CA LEU G 112 -27.04 21.81 34.76
C LEU G 112 -28.31 21.27 35.43
N PRO G 113 -28.72 20.00 35.27
CA PRO G 113 -29.77 19.46 36.14
C PRO G 113 -29.25 18.90 37.47
N TYR G 114 -27.94 18.87 37.68
CA TYR G 114 -27.32 18.35 38.90
C TYR G 114 -26.61 19.42 39.72
N ASN G 115 -25.99 20.41 39.07
CA ASN G 115 -25.57 21.62 39.78
C ASN G 115 -26.79 22.34 40.35
N THR G 116 -27.95 22.13 39.73
CA THR G 116 -29.22 22.62 40.24
C THR G 116 -29.91 21.55 41.10
N LEU H 22 9.24 -11.77 47.88
CA LEU H 22 7.85 -11.64 47.48
C LEU H 22 7.11 -10.68 48.42
N LYS H 23 7.77 -10.33 49.53
CA LYS H 23 7.09 -9.67 50.66
C LYS H 23 6.77 -8.21 50.35
N GLY H 24 7.81 -7.41 50.09
CA GLY H 24 7.60 -5.98 49.85
C GLY H 24 6.71 -5.68 48.67
N PHE H 25 6.54 -6.64 47.76
CA PHE H 25 5.71 -6.47 46.58
C PHE H 25 4.28 -6.94 46.82
N LYS H 26 4.10 -8.16 47.31
CA LYS H 26 2.78 -8.78 47.42
C LYS H 26 2.09 -8.51 48.75
N GLU H 27 2.74 -7.81 49.68
CA GLU H 27 2.11 -7.39 50.93
C GLU H 27 1.86 -5.89 50.97
N PHE H 28 1.70 -5.27 49.81
CA PHE H 28 1.44 -3.85 49.76
C PHE H 28 0.39 -3.54 48.70
N LEU H 29 -0.62 -4.41 48.57
CA LEU H 29 -1.64 -4.27 47.52
C LEU H 29 -3.07 -4.27 48.02
N ALA H 30 -3.41 -5.13 49.00
CA ALA H 30 -4.79 -5.29 49.46
C ALA H 30 -5.24 -4.18 50.39
N ARG H 31 -4.39 -3.20 50.64
CA ARG H 31 -4.72 -2.10 51.54
C ARG H 31 -5.53 -1.04 50.80
N GLY H 32 -6.50 -0.47 51.50
CA GLY H 32 -7.26 0.66 50.97
C GLY H 32 -8.24 0.27 49.87
N ASN H 33 -8.24 1.06 48.80
CA ASN H 33 -9.17 0.89 47.68
C ASN H 33 -8.50 0.33 46.43
N ILE H 34 -7.20 -0.01 46.48
CA ILE H 34 -6.49 -0.50 45.29
C ILE H 34 -7.23 -1.69 44.68
N VAL H 35 -7.35 -2.78 45.44
CA VAL H 35 -8.10 -3.94 44.97
C VAL H 35 -9.44 -3.51 44.37
N ASP H 36 -10.13 -2.57 45.02
CA ASP H 36 -11.34 -2.03 44.42
C ASP H 36 -11.13 -1.17 43.17
N LEU H 37 -10.09 -0.34 43.13
CA LEU H 37 -9.87 0.49 41.94
C LEU H 37 -8.92 -0.16 40.91
N ALA H 38 -7.99 -0.98 41.39
CA ALA H 38 -7.02 -1.67 40.51
C ALA H 38 -7.82 -2.63 39.66
N VAL H 39 -8.79 -3.30 40.26
CA VAL H 39 -9.60 -4.25 39.50
C VAL H 39 -10.76 -3.54 38.82
N ALA H 40 -11.38 -2.57 39.49
CA ALA H 40 -12.50 -1.87 38.84
C ALA H 40 -12.01 -1.00 37.69
N VAL H 41 -10.71 -0.96 37.45
CA VAL H 41 -10.17 -0.52 36.17
C VAL H 41 -9.67 -1.69 35.33
N VAL H 42 -9.95 -2.92 35.78
CA VAL H 42 -9.80 -4.07 34.90
C VAL H 42 -11.15 -4.50 34.29
N ILE H 43 -12.27 -4.22 34.98
CA ILE H 43 -13.62 -4.49 34.43
C ILE H 43 -14.10 -3.37 33.49
N GLY H 44 -13.57 -2.16 33.61
CA GLY H 44 -13.95 -1.10 32.69
C GLY H 44 -13.29 -1.22 31.33
N THR H 45 -11.99 -1.50 31.33
CA THR H 45 -11.27 -1.67 30.07
C THR H 45 -11.66 -2.96 29.37
N ALA H 46 -12.10 -3.98 30.12
CA ALA H 46 -12.40 -5.28 29.52
C ALA H 46 -13.88 -5.52 29.27
N PHE H 47 -14.79 -4.99 30.10
CA PHE H 47 -16.20 -5.14 29.76
C PHE H 47 -16.53 -4.36 28.51
N THR H 48 -15.85 -3.24 28.29
CA THR H 48 -15.95 -2.46 27.08
C THR H 48 -14.92 -2.87 26.03
N ALA H 49 -14.43 -4.11 26.10
CA ALA H 49 -13.71 -4.78 25.03
C ALA H 49 -14.65 -5.63 24.19
N LEU H 50 -15.49 -6.42 24.87
CA LEU H 50 -16.53 -7.20 24.21
C LEU H 50 -17.65 -6.33 23.67
N VAL H 51 -17.93 -5.18 24.30
CA VAL H 51 -19.16 -4.42 24.05
C VAL H 51 -18.92 -3.23 23.11
N THR H 52 -17.72 -2.63 23.17
CA THR H 52 -17.36 -1.60 22.19
C THR H 52 -17.05 -2.22 20.83
N LYS H 53 -16.41 -3.40 20.83
CA LYS H 53 -16.07 -4.10 19.60
C LYS H 53 -17.28 -4.83 19.02
N PHE H 54 -18.25 -5.17 19.88
CA PHE H 54 -19.63 -5.48 19.50
C PHE H 54 -20.30 -4.35 18.73
N THR H 55 -19.73 -3.15 18.77
CA THR H 55 -20.24 -2.01 18.03
C THR H 55 -19.41 -1.68 16.80
N ASP H 56 -18.08 -1.79 16.89
CA ASP H 56 -17.16 -1.48 15.79
C ASP H 56 -16.90 -2.67 14.88
N SER H 57 -17.47 -3.83 15.17
CA SER H 57 -17.25 -4.96 14.29
C SER H 57 -18.57 -5.56 13.85
N ILE H 58 -19.56 -5.48 14.73
CA ILE H 58 -20.90 -5.94 14.35
C ILE H 58 -21.63 -4.88 13.54
N ILE H 59 -21.72 -3.66 14.08
CA ILE H 59 -22.76 -2.71 13.72
C ILE H 59 -22.20 -1.54 12.89
N THR H 60 -21.02 -1.05 13.22
CA THR H 60 -20.43 0.05 12.46
C THR H 60 -20.28 -0.26 10.97
N PRO H 61 -19.83 -1.45 10.55
CA PRO H 61 -19.84 -1.73 9.11
C PRO H 61 -21.23 -1.67 8.50
N LEU H 62 -22.30 -1.95 9.25
CA LEU H 62 -23.64 -1.64 8.77
C LEU H 62 -23.80 -0.15 8.50
N ILE H 63 -23.42 0.67 9.49
CA ILE H 63 -23.54 2.11 9.37
C ILE H 63 -22.61 2.66 8.31
N ASN H 64 -21.71 1.82 7.79
CA ASN H 64 -20.93 2.18 6.63
C ASN H 64 -21.67 1.92 5.31
N ARG H 65 -22.70 1.07 5.31
CA ARG H 65 -23.56 0.95 4.11
C ARG H 65 -24.42 2.19 3.94
N ILE H 66 -24.83 2.82 5.05
CA ILE H 66 -25.65 4.03 5.00
C ILE H 66 -24.98 5.10 4.15
N GLY H 67 -23.68 5.29 4.34
CA GLY H 67 -22.88 6.11 3.45
C GLY H 67 -23.30 7.56 3.32
N VAL H 68 -23.93 8.11 4.36
CA VAL H 68 -24.16 9.55 4.45
C VAL H 68 -22.85 10.31 4.69
N ASN H 69 -21.76 9.61 4.94
CA ASN H 69 -20.51 10.23 5.36
C ASN H 69 -19.56 10.47 4.17
N ALA H 70 -18.41 11.10 4.48
CA ALA H 70 -17.29 11.32 3.54
C ALA H 70 -17.64 12.32 2.44
N GLN H 71 -18.20 13.45 2.85
CA GLN H 71 -18.52 14.54 1.93
C GLN H 71 -17.23 15.25 1.51
N SER H 72 -16.90 15.19 0.22
CA SER H 72 -15.63 15.72 -0.26
C SER H 72 -15.49 17.20 0.10
N ASP H 73 -14.25 17.62 0.36
CA ASP H 73 -13.94 18.95 0.84
C ASP H 73 -12.59 19.37 0.27
N VAL H 74 -12.47 20.63 -0.13
CA VAL H 74 -11.24 21.12 -0.78
C VAL H 74 -10.52 22.05 0.19
N GLY H 75 -9.31 21.65 0.59
CA GLY H 75 -8.45 22.47 1.41
C GLY H 75 -7.05 22.59 0.85
N ILE H 76 -6.35 23.69 1.15
CA ILE H 76 -5.03 23.95 0.60
C ILE H 76 -3.98 23.69 1.69
N LEU H 77 -3.25 22.59 1.55
CA LEU H 77 -2.16 22.21 2.42
C LEU H 77 -0.83 22.52 1.75
N ARG H 78 0.27 22.40 2.51
CA ARG H 78 1.60 22.50 1.91
C ARG H 78 2.41 21.22 2.04
N ILE H 79 1.87 20.18 2.70
CA ILE H 79 2.53 18.88 2.72
C ILE H 79 2.55 18.27 1.33
N GLY H 80 1.77 18.81 0.40
CA GLY H 80 1.57 18.18 -0.87
C GLY H 80 0.46 17.15 -0.84
N ILE H 81 -0.74 17.58 -0.45
CA ILE H 81 -1.97 16.80 -0.54
C ILE H 81 -3.11 17.77 -0.86
N GLY H 82 -3.66 17.66 -2.07
CA GLY H 82 -4.73 18.51 -2.55
C GLY H 82 -5.82 17.78 -3.32
N GLY H 83 -6.00 16.48 -3.08
CA GLY H 83 -7.00 15.75 -3.82
C GLY H 83 -8.42 15.87 -3.29
N GLY H 84 -8.71 15.42 -2.07
CA GLY H 84 -10.05 15.51 -1.50
C GLY H 84 -10.14 15.17 -0.01
N GLN H 85 -11.05 15.80 0.72
CA GLN H 85 -11.16 15.66 2.17
C GLN H 85 -12.57 15.24 2.57
N THR H 86 -12.67 14.30 3.52
CA THR H 86 -13.90 13.58 3.84
C THR H 86 -14.43 13.98 5.20
N ILE H 87 -15.69 14.45 5.26
CA ILE H 87 -16.31 14.96 6.49
C ILE H 87 -17.35 13.97 7.02
N ASP H 88 -16.91 13.08 7.90
CA ASP H 88 -17.54 11.78 8.12
C ASP H 88 -18.66 11.85 9.16
N LEU H 89 -19.86 11.44 8.76
CA LEU H 89 -21.05 11.62 9.58
C LEU H 89 -21.34 10.46 10.53
N ASN H 90 -21.31 9.22 10.07
CA ASN H 90 -21.92 8.12 10.83
C ASN H 90 -20.91 7.11 11.36
N VAL H 91 -19.66 7.50 11.57
CA VAL H 91 -18.89 6.82 12.61
C VAL H 91 -19.19 7.50 13.95
N LEU H 92 -19.56 8.78 13.90
CA LEU H 92 -20.33 9.39 14.98
C LEU H 92 -21.54 8.54 15.35
N LEU H 93 -22.36 8.20 14.35
CA LEU H 93 -23.48 7.31 14.61
C LEU H 93 -23.02 5.90 14.96
N SER H 94 -21.76 5.56 14.70
CA SER H 94 -21.18 4.30 15.14
C SER H 94 -20.54 4.38 16.53
N ALA H 95 -20.38 5.58 17.09
CA ALA H 95 -19.88 5.77 18.45
C ALA H 95 -21.00 5.94 19.47
N ALA H 96 -22.21 6.24 19.02
CA ALA H 96 -23.37 6.16 19.91
C ALA H 96 -23.85 4.72 20.03
N ILE H 97 -23.73 3.93 18.97
CA ILE H 97 -23.85 2.48 19.11
C ILE H 97 -22.83 1.97 20.11
N ASN H 98 -21.71 2.68 20.23
CA ASN H 98 -20.70 2.36 21.23
C ASN H 98 -21.20 2.71 22.63
N PHE H 99 -21.63 3.97 22.83
CA PHE H 99 -22.09 4.40 24.14
C PHE H 99 -23.35 3.66 24.56
N PHE H 100 -24.35 3.59 23.68
CA PHE H 100 -25.66 3.07 24.06
C PHE H 100 -25.59 1.58 24.40
N LEU H 101 -25.12 0.74 23.48
CA LEU H 101 -25.07 -0.68 23.79
C LEU H 101 -24.00 -1.02 24.83
N ILE H 102 -23.11 -0.10 25.17
CA ILE H 102 -22.42 -0.19 26.45
C ILE H 102 -23.38 0.12 27.58
N ALA H 103 -23.99 1.31 27.54
CA ALA H 103 -25.04 1.64 28.50
C ALA H 103 -26.29 0.78 28.30
N PHE H 104 -26.24 -0.28 27.47
CA PHE H 104 -27.26 -1.30 27.41
C PHE H 104 -26.75 -2.68 27.78
N ALA H 105 -25.41 -2.86 27.82
CA ALA H 105 -24.75 -4.07 28.28
C ALA H 105 -24.26 -3.93 29.72
N VAL H 106 -23.57 -2.84 30.04
CA VAL H 106 -23.11 -2.68 31.42
C VAL H 106 -24.20 -2.07 32.30
N TYR H 107 -24.95 -1.10 31.77
CA TYR H 107 -26.00 -0.45 32.57
C TYR H 107 -27.13 -1.41 32.91
N PHE H 108 -27.49 -2.30 31.98
CA PHE H 108 -28.60 -3.22 32.24
C PHE H 108 -28.17 -4.33 33.20
N LEU H 109 -26.94 -4.84 33.06
CA LEU H 109 -26.40 -5.79 34.01
C LEU H 109 -25.99 -5.12 35.33
N VAL H 110 -26.33 -3.84 35.49
CA VAL H 110 -26.12 -3.13 36.75
C VAL H 110 -27.43 -2.52 37.23
N VAL H 111 -28.34 -2.21 36.31
CA VAL H 111 -29.63 -1.68 36.75
C VAL H 111 -30.57 -2.83 37.14
N LEU H 112 -30.41 -4.02 36.56
CA LEU H 112 -31.28 -5.12 36.95
C LEU H 112 -30.79 -5.86 38.20
N PRO H 113 -29.52 -6.32 38.29
CA PRO H 113 -29.12 -7.09 39.49
C PRO H 113 -28.62 -6.27 40.67
N TYR H 114 -28.16 -5.04 40.46
CA TYR H 114 -27.63 -4.23 41.55
C TYR H 114 -28.55 -3.09 41.98
N ASN H 115 -29.31 -2.49 41.04
CA ASN H 115 -30.24 -1.40 41.31
C ASN H 115 -31.52 -1.85 42.00
N THR H 116 -31.64 -3.13 42.38
CA THR H 116 -32.78 -3.66 43.17
C THR H 116 -32.43 -4.59 44.31
N LEU I 22 13.55 17.50 44.30
CA LEU I 22 13.14 16.21 44.82
C LEU I 22 12.02 16.33 45.84
N LYS I 23 11.90 17.50 46.45
CA LYS I 23 11.07 17.63 47.66
C LYS I 23 9.59 17.81 47.35
N GLY I 24 9.23 18.93 46.72
CA GLY I 24 7.83 19.24 46.46
C GLY I 24 7.14 18.26 45.53
N PHE I 25 7.88 17.29 44.99
CA PHE I 25 7.39 16.30 44.05
C PHE I 25 7.35 14.89 44.62
N LYS I 26 8.47 14.39 45.15
CA LYS I 26 8.48 13.05 45.72
C LYS I 26 7.64 12.96 46.99
N GLU I 27 7.35 14.08 47.63
CA GLU I 27 6.70 14.05 48.93
C GLU I 27 5.24 14.49 48.91
N PHE I 28 4.81 15.29 47.92
CA PHE I 28 3.38 15.40 47.68
C PHE I 28 2.83 14.14 47.05
N LEU I 29 3.68 13.17 46.70
CA LEU I 29 3.25 11.93 46.08
C LEU I 29 2.76 10.90 47.10
N ALA I 30 3.30 10.93 48.32
CA ALA I 30 3.08 9.85 49.30
C ALA I 30 1.92 10.19 50.23
N ARG I 31 0.71 10.09 49.71
CA ARG I 31 -0.49 10.42 50.46
C ARG I 31 -1.73 9.96 49.70
N GLY I 32 -2.76 9.58 50.47
CA GLY I 32 -4.10 9.47 49.93
C GLY I 32 -4.21 8.45 48.82
N ASN I 33 -5.06 8.77 47.83
CA ASN I 33 -5.39 7.84 46.76
C ASN I 33 -4.48 7.92 45.54
N ILE I 34 -3.73 9.00 45.36
CA ILE I 34 -2.86 9.09 44.17
C ILE I 34 -1.83 7.95 44.16
N VAL I 35 -1.44 7.44 45.34
CA VAL I 35 -0.65 6.19 45.35
C VAL I 35 -1.56 4.99 45.16
N ASP I 36 -2.78 5.02 45.70
CA ASP I 36 -3.70 3.92 45.48
C ASP I 36 -4.23 3.92 44.06
N LEU I 37 -4.61 5.09 43.56
CA LEU I 37 -5.33 5.20 42.29
C LEU I 37 -4.40 5.08 41.09
N ALA I 38 -3.43 5.98 40.97
CA ALA I 38 -2.53 5.96 39.81
C ALA I 38 -1.96 4.57 39.59
N VAL I 39 -1.38 3.98 40.63
CA VAL I 39 -0.81 2.64 40.51
C VAL I 39 -1.88 1.62 40.17
N ALA I 40 -3.11 1.86 40.65
CA ALA I 40 -4.22 0.98 40.32
C ALA I 40 -4.68 1.15 38.88
N VAL I 41 -4.80 2.39 38.41
CA VAL I 41 -5.13 2.56 37.01
C VAL I 41 -3.94 2.21 36.12
N VAL I 42 -2.74 2.13 36.69
CA VAL I 42 -1.66 1.42 36.00
C VAL I 42 -2.01 -0.06 35.88
N ILE I 43 -2.45 -0.68 36.98
CA ILE I 43 -2.87 -2.09 36.96
C ILE I 43 -3.94 -2.32 35.90
N GLY I 44 -4.80 -1.34 35.68
CA GLY I 44 -5.74 -1.44 34.59
C GLY I 44 -5.13 -1.23 33.21
N THR I 45 -4.01 -0.50 33.12
CA THR I 45 -3.36 -0.24 31.85
C THR I 45 -2.14 -1.10 31.58
N ALA I 46 -1.56 -1.70 32.62
CA ALA I 46 -0.41 -2.59 32.48
C ALA I 46 -0.82 -4.06 32.44
N PHE I 47 -1.57 -4.52 33.45
CA PHE I 47 -1.99 -5.92 33.49
C PHE I 47 -2.90 -6.27 32.33
N THR I 48 -3.97 -5.48 32.16
CA THR I 48 -4.89 -5.73 31.06
C THR I 48 -4.19 -5.58 29.71
N ALA I 49 -3.16 -4.73 29.63
CA ALA I 49 -2.33 -4.66 28.44
C ALA I 49 -1.55 -5.95 28.21
N LEU I 50 -1.38 -6.77 29.26
CA LEU I 50 -0.73 -8.07 29.11
C LEU I 50 -1.70 -9.17 28.72
N VAL I 51 -2.87 -9.20 29.36
CA VAL I 51 -3.77 -10.32 29.15
C VAL I 51 -4.58 -10.14 27.87
N THR I 52 -4.80 -8.90 27.44
CA THR I 52 -5.41 -8.65 26.15
C THR I 52 -4.55 -9.21 25.02
N LYS I 53 -3.23 -9.00 25.12
CA LYS I 53 -2.29 -9.35 24.08
C LYS I 53 -1.90 -10.82 24.14
N PHE I 54 -2.01 -11.44 25.32
CA PHE I 54 -2.02 -12.90 25.41
C PHE I 54 -3.12 -13.48 24.54
N THR I 55 -4.31 -12.88 24.61
CA THR I 55 -5.48 -13.38 23.91
C THR I 55 -5.48 -13.05 22.42
N ASP I 56 -4.94 -11.90 22.01
CA ASP I 56 -5.05 -11.50 20.62
C ASP I 56 -3.88 -11.96 19.76
N SER I 57 -2.86 -12.58 20.35
CA SER I 57 -1.75 -13.14 19.61
C SER I 57 -1.78 -14.66 19.55
N ILE I 58 -2.60 -15.29 20.37
CA ILE I 58 -2.68 -16.74 20.41
C ILE I 58 -4.00 -17.16 19.75
N ILE I 59 -5.06 -16.36 19.94
CA ILE I 59 -6.43 -16.81 19.70
C ILE I 59 -7.14 -15.98 18.65
N THR I 60 -7.11 -14.65 18.77
CA THR I 60 -7.75 -13.79 17.79
C THR I 60 -7.34 -14.12 16.36
N PRO I 61 -6.07 -14.51 16.07
CA PRO I 61 -5.76 -15.07 14.75
C PRO I 61 -6.24 -16.50 14.53
N LEU I 62 -6.41 -17.32 15.58
CA LEU I 62 -7.22 -18.53 15.42
C LEU I 62 -8.66 -18.19 15.06
N ILE I 63 -9.16 -17.07 15.58
CA ILE I 63 -10.51 -16.61 15.22
C ILE I 63 -10.53 -15.96 13.85
N ASN I 64 -9.37 -15.80 13.22
CA ASN I 64 -9.29 -15.44 11.81
C ASN I 64 -9.09 -16.68 10.93
N ARG I 65 -9.10 -17.90 11.51
CA ARG I 65 -9.27 -19.12 10.72
C ARG I 65 -10.74 -19.46 10.53
N ILE I 66 -11.54 -19.27 11.58
CA ILE I 66 -12.98 -19.48 11.51
C ILE I 66 -13.55 -18.72 10.31
N GLY I 67 -13.37 -17.40 10.30
CA GLY I 67 -13.68 -16.58 9.15
C GLY I 67 -15.07 -16.80 8.58
N VAL I 68 -15.97 -17.36 9.38
CA VAL I 68 -17.33 -17.60 8.93
C VAL I 68 -17.99 -16.29 8.51
N ASN I 69 -18.00 -15.32 9.40
CA ASN I 69 -18.85 -14.15 9.27
C ASN I 69 -18.31 -13.17 8.24
N ALA I 70 -18.85 -11.95 8.29
CA ALA I 70 -18.62 -10.88 7.31
C ALA I 70 -19.33 -11.17 5.99
N GLN I 71 -20.63 -11.49 6.05
CA GLN I 71 -21.46 -11.46 4.86
C GLN I 71 -21.30 -10.12 4.16
N SER I 72 -21.05 -10.16 2.86
CA SER I 72 -20.68 -8.95 2.12
C SER I 72 -21.71 -7.82 2.20
N ASP I 73 -21.25 -6.60 1.88
CA ASP I 73 -22.07 -5.40 1.88
C ASP I 73 -21.63 -4.49 0.74
N VAL I 74 -22.55 -3.65 0.29
CA VAL I 74 -22.31 -2.66 -0.76
C VAL I 74 -22.81 -1.32 -0.24
N GLY I 75 -21.90 -0.52 0.30
CA GLY I 75 -22.26 0.78 0.81
C GLY I 75 -21.78 1.91 -0.08
N ILE I 76 -22.70 2.69 -0.61
CA ILE I 76 -22.36 3.77 -1.56
C ILE I 76 -22.12 5.04 -0.74
N LEU I 77 -20.87 5.22 -0.32
CA LEU I 77 -20.44 6.39 0.44
C LEU I 77 -20.48 7.63 -0.47
N ARG I 78 -20.23 8.81 0.12
CA ARG I 78 -20.17 10.01 -0.71
C ARG I 78 -18.93 9.97 -1.60
N ILE I 79 -17.78 9.59 -1.03
CA ILE I 79 -16.59 9.36 -1.86
C ILE I 79 -16.92 8.38 -2.97
N GLY I 80 -17.80 7.44 -2.67
CA GLY I 80 -18.36 6.57 -3.67
C GLY I 80 -17.90 5.13 -3.60
N ILE I 81 -16.75 4.86 -3.00
CA ILE I 81 -16.17 3.51 -3.11
C ILE I 81 -17.06 2.51 -2.38
N GLY I 82 -17.58 1.52 -3.11
CA GLY I 82 -18.59 0.61 -2.59
C GLY I 82 -18.54 -0.82 -3.10
N GLY I 83 -17.40 -1.18 -3.68
CA GLY I 83 -17.25 -2.52 -4.23
C GLY I 83 -16.91 -3.57 -3.18
N GLY I 84 -16.13 -3.19 -2.16
CA GLY I 84 -15.67 -4.10 -1.11
C GLY I 84 -16.02 -3.71 0.33
N GLN I 85 -16.77 -4.58 1.01
CA GLN I 85 -17.16 -4.40 2.41
C GLN I 85 -17.18 -5.74 3.14
N THR I 86 -17.05 -5.65 4.47
CA THR I 86 -17.18 -6.77 5.39
C THR I 86 -17.89 -6.30 6.65
N ILE I 87 -19.01 -6.94 7.00
CA ILE I 87 -19.59 -6.79 8.36
C ILE I 87 -18.96 -7.90 9.19
N ASP I 88 -17.74 -7.65 9.63
CA ASP I 88 -16.87 -8.76 10.05
C ASP I 88 -17.10 -9.06 11.52
N LEU I 89 -17.95 -10.07 11.80
CA LEU I 89 -18.56 -10.26 13.11
C LEU I 89 -17.69 -11.01 14.12
N ASN I 90 -16.71 -11.81 13.70
CA ASN I 90 -16.01 -12.67 14.66
C ASN I 90 -14.68 -12.08 15.11
N VAL I 91 -14.45 -10.79 14.89
CA VAL I 91 -13.52 -10.10 15.77
C VAL I 91 -14.27 -9.59 16.99
N LEU I 92 -15.61 -9.52 16.90
CA LEU I 92 -16.43 -9.57 18.13
C LEU I 92 -16.16 -10.85 18.91
N LEU I 93 -16.09 -11.98 18.21
CA LEU I 93 -15.79 -13.25 18.86
C LEU I 93 -14.38 -13.27 19.42
N SER I 94 -13.51 -12.35 19.01
CA SER I 94 -12.17 -12.24 19.57
C SER I 94 -12.13 -11.41 20.86
N ALA I 95 -13.02 -10.41 21.00
CA ALA I 95 -13.09 -9.65 22.24
C ALA I 95 -13.96 -10.31 23.28
N ALA I 96 -14.74 -11.31 22.90
CA ALA I 96 -15.27 -12.26 23.87
C ALA I 96 -14.14 -13.07 24.49
N ILE I 97 -13.08 -13.31 23.71
CA ILE I 97 -11.89 -13.98 24.21
C ILE I 97 -11.05 -13.03 25.05
N ASN I 98 -11.34 -11.73 24.97
CA ASN I 98 -10.58 -10.69 25.63
C ASN I 98 -11.09 -10.47 27.06
N PHE I 99 -12.39 -10.16 27.20
CA PHE I 99 -12.98 -9.99 28.52
C PHE I 99 -12.81 -11.24 29.36
N PHE I 100 -13.01 -12.41 28.74
CA PHE I 100 -13.02 -13.66 29.51
C PHE I 100 -11.61 -13.98 30.04
N LEU I 101 -10.60 -14.00 29.17
CA LEU I 101 -9.26 -14.34 29.64
C LEU I 101 -8.64 -13.26 30.51
N ILE I 102 -9.04 -11.99 30.32
CA ILE I 102 -8.73 -11.00 31.34
C ILE I 102 -9.39 -11.38 32.66
N ALA I 103 -10.70 -11.62 32.62
CA ALA I 103 -11.41 -12.08 33.79
C ALA I 103 -10.88 -13.43 34.28
N PHE I 104 -10.06 -14.11 33.48
CA PHE I 104 -9.41 -15.37 33.85
C PHE I 104 -7.98 -15.20 34.32
N ALA I 105 -7.18 -14.36 33.67
CA ALA I 105 -5.85 -14.10 34.21
C ALA I 105 -5.88 -13.18 35.41
N VAL I 106 -7.01 -12.53 35.71
CA VAL I 106 -7.10 -11.70 36.90
C VAL I 106 -7.79 -12.42 38.05
N TYR I 107 -8.60 -13.45 37.75
CA TYR I 107 -9.24 -14.22 38.82
C TYR I 107 -8.32 -15.30 39.37
N PHE I 108 -7.61 -16.01 38.48
CA PHE I 108 -6.83 -17.17 38.88
C PHE I 108 -5.58 -16.77 39.66
N LEU I 109 -5.08 -15.56 39.44
CA LEU I 109 -3.84 -15.11 40.05
C LEU I 109 -4.04 -14.25 41.28
N VAL I 110 -5.17 -13.54 41.38
CA VAL I 110 -5.34 -12.57 42.46
C VAL I 110 -6.55 -12.91 43.31
N VAL I 111 -7.57 -13.52 42.72
CA VAL I 111 -8.84 -13.65 43.41
C VAL I 111 -9.01 -15.00 44.12
N LEU I 112 -8.39 -16.06 43.61
CA LEU I 112 -8.49 -17.37 44.25
C LEU I 112 -7.84 -17.37 45.65
N PRO I 113 -6.81 -16.53 45.92
CA PRO I 113 -6.34 -16.41 47.32
C PRO I 113 -6.89 -15.25 48.13
N TYR I 114 -7.62 -14.29 47.54
CA TYR I 114 -8.17 -13.17 48.31
C TYR I 114 -9.61 -13.42 48.78
N ASN I 115 -10.44 -14.02 47.93
CA ASN I 115 -11.83 -14.29 48.29
C ASN I 115 -11.93 -15.29 49.45
N THR I 116 -10.91 -16.14 49.63
CA THR I 116 -10.84 -17.05 50.78
C THR I 116 -10.37 -16.32 52.04
N LEU J 22 -14.42 31.96 35.79
CA LEU J 22 -13.35 31.34 36.55
C LEU J 22 -13.91 30.55 37.74
N LYS J 23 -14.62 31.27 38.62
CA LYS J 23 -15.09 30.71 39.89
C LYS J 23 -15.78 29.36 39.72
N GLY J 24 -16.68 29.25 38.75
CA GLY J 24 -17.40 28.00 38.56
C GLY J 24 -16.48 26.84 38.23
N PHE J 25 -15.37 27.12 37.54
CA PHE J 25 -14.39 26.10 37.18
C PHE J 25 -13.23 26.03 38.16
N LYS J 26 -12.64 27.17 38.52
CA LYS J 26 -11.36 27.19 39.21
C LYS J 26 -11.49 26.88 40.70
N GLU J 27 -12.55 27.37 41.35
CA GLU J 27 -12.67 27.15 42.79
C GLU J 27 -13.55 25.95 43.13
N PHE J 28 -14.52 25.60 42.28
CA PHE J 28 -15.17 24.31 42.44
C PHE J 28 -14.22 23.16 42.13
N LEU J 29 -13.06 23.47 41.56
CA LEU J 29 -11.96 22.54 41.33
C LEU J 29 -11.29 22.11 42.63
N ALA J 30 -11.62 22.75 43.75
CA ALA J 30 -10.96 22.51 45.02
C ALA J 30 -11.72 21.58 45.95
N ARG J 31 -12.67 20.82 45.42
CA ARG J 31 -13.61 20.04 46.21
C ARG J 31 -13.40 18.55 46.03
N GLY J 32 -13.58 17.79 47.11
CA GLY J 32 -13.87 16.36 46.99
C GLY J 32 -12.66 15.53 46.59
N ASN J 33 -12.91 14.52 45.76
CA ASN J 33 -11.92 13.51 45.42
C ASN J 33 -11.40 13.62 43.99
N ILE J 34 -11.76 14.68 43.26
CA ILE J 34 -11.39 14.74 41.84
C ILE J 34 -9.89 15.05 41.68
N VAL J 35 -9.33 15.93 42.51
CA VAL J 35 -7.91 16.27 42.36
C VAL J 35 -7.04 15.04 42.61
N ASP J 36 -7.53 14.06 43.38
CA ASP J 36 -6.81 12.80 43.57
C ASP J 36 -6.97 11.87 42.39
N LEU J 37 -8.11 11.93 41.69
CA LEU J 37 -8.42 10.94 40.67
C LEU J 37 -8.02 11.41 39.27
N ALA J 38 -8.56 12.58 38.84
CA ALA J 38 -8.35 13.04 37.46
C ALA J 38 -6.87 13.17 37.13
N VAL J 39 -6.07 13.62 38.10
CA VAL J 39 -4.63 13.70 37.88
C VAL J 39 -4.01 12.31 37.91
N ALA J 40 -4.44 11.47 38.85
CA ALA J 40 -3.82 10.17 39.00
C ALA J 40 -4.24 9.20 37.90
N VAL J 41 -5.49 9.27 37.44
CA VAL J 41 -5.82 8.50 36.23
C VAL J 41 -4.97 8.97 35.07
N VAL J 42 -4.61 10.25 35.06
CA VAL J 42 -3.62 10.72 34.10
C VAL J 42 -2.23 10.27 34.51
N ILE J 43 -1.97 10.12 35.82
CA ILE J 43 -0.70 9.56 36.25
C ILE J 43 -0.61 8.09 35.84
N GLY J 44 -1.73 7.36 35.90
CA GLY J 44 -1.69 5.94 35.62
C GLY J 44 -1.42 5.62 34.17
N THR J 45 -2.08 6.33 33.25
CA THR J 45 -1.91 6.10 31.82
C THR J 45 -0.67 6.77 31.25
N ALA J 46 -0.30 7.94 31.78
CA ALA J 46 0.86 8.66 31.27
C ALA J 46 2.18 8.21 31.91
N PHE J 47 2.14 7.45 33.01
CA PHE J 47 3.33 6.72 33.43
C PHE J 47 3.53 5.46 32.59
N THR J 48 2.43 4.77 32.25
CA THR J 48 2.47 3.62 31.37
C THR J 48 2.55 3.99 29.88
N ALA J 49 2.73 5.28 29.56
CA ALA J 49 2.97 5.74 28.20
C ALA J 49 4.45 6.00 27.92
N LEU J 50 5.23 6.31 28.95
CA LEU J 50 6.67 6.38 28.84
C LEU J 50 7.30 4.98 28.94
N VAL J 51 6.74 4.12 29.80
CA VAL J 51 7.34 2.82 30.11
C VAL J 51 6.80 1.70 29.21
N THR J 52 5.86 2.01 28.32
CA THR J 52 5.52 1.05 27.29
C THR J 52 6.16 1.38 25.95
N LYS J 53 6.48 2.65 25.70
CA LYS J 53 6.91 3.07 24.36
C LYS J 53 8.42 3.07 24.19
N PHE J 54 9.19 3.45 25.22
CA PHE J 54 10.54 2.92 25.36
C PHE J 54 10.51 1.43 25.16
N THR J 55 9.64 0.78 25.93
CA THR J 55 9.63 -0.67 25.98
C THR J 55 9.24 -1.22 24.62
N ASP J 56 8.18 -0.68 24.01
CA ASP J 56 7.78 -1.06 22.65
C ASP J 56 8.91 -1.01 21.63
N SER J 57 9.86 -0.10 21.81
CA SER J 57 11.02 -0.08 20.92
C SER J 57 12.14 -0.98 21.41
N ILE J 58 11.93 -1.63 22.55
CA ILE J 58 12.73 -2.75 23.04
C ILE J 58 11.90 -4.04 23.05
N ILE J 59 10.57 -3.91 23.10
CA ILE J 59 9.59 -4.98 23.14
C ILE J 59 9.59 -5.79 21.86
N THR J 60 9.17 -5.20 20.77
CA THR J 60 9.00 -6.00 19.56
C THR J 60 10.30 -6.09 18.77
N PRO J 61 10.99 -4.97 18.51
CA PRO J 61 12.24 -5.05 17.72
C PRO J 61 13.21 -6.10 18.20
N LEU J 62 13.32 -6.28 19.52
CA LEU J 62 14.16 -7.36 20.01
C LEU J 62 13.43 -8.69 19.96
N ILE J 63 12.09 -8.69 20.02
CA ILE J 63 11.33 -9.94 20.00
C ILE J 63 10.71 -10.21 18.64
N ASN J 64 10.68 -9.23 17.74
CA ASN J 64 10.46 -9.54 16.34
C ASN J 64 11.76 -10.01 15.69
N ARG J 65 12.92 -9.68 16.27
CA ARG J 65 14.16 -10.32 15.84
C ARG J 65 14.11 -11.82 16.09
N ILE J 66 13.34 -12.25 17.08
CA ILE J 66 13.25 -13.65 17.43
C ILE J 66 12.33 -14.39 16.46
N GLY J 67 11.05 -14.02 16.47
CA GLY J 67 10.09 -14.63 15.55
C GLY J 67 10.14 -16.14 15.56
N VAL J 68 10.30 -16.74 16.74
CA VAL J 68 10.15 -18.19 16.90
C VAL J 68 8.76 -18.63 16.40
N ASN J 69 7.82 -17.70 16.28
CA ASN J 69 6.39 -17.97 16.23
C ASN J 69 5.80 -17.69 14.85
N ALA J 70 4.47 -17.72 14.81
CA ALA J 70 3.61 -17.36 13.68
C ALA J 70 3.62 -18.38 12.54
N GLN J 71 3.65 -19.68 12.86
CA GLN J 71 3.38 -20.67 11.82
C GLN J 71 2.02 -20.38 11.18
N SER J 72 1.97 -20.48 9.86
CA SER J 72 0.80 -20.09 9.08
C SER J 72 -0.47 -20.81 9.53
N ASP J 73 -1.61 -20.33 9.03
CA ASP J 73 -2.92 -20.92 9.31
C ASP J 73 -3.80 -20.79 8.07
N VAL J 74 -4.53 -21.86 7.73
CA VAL J 74 -5.39 -21.87 6.56
C VAL J 74 -6.82 -21.59 7.03
N GLY J 75 -7.15 -20.31 7.08
CA GLY J 75 -8.48 -19.90 7.48
C GLY J 75 -9.20 -19.16 6.38
N ILE J 76 -10.18 -19.82 5.78
CA ILE J 76 -10.89 -19.29 4.63
C ILE J 76 -12.05 -18.44 5.14
N LEU J 77 -11.85 -17.12 5.16
CA LEU J 77 -12.95 -16.20 5.37
C LEU J 77 -13.97 -16.40 4.26
N ARG J 78 -15.26 -16.30 4.59
CA ARG J 78 -16.25 -16.59 3.55
C ARG J 78 -16.32 -15.44 2.45
N ILE J 79 -15.31 -14.56 2.45
CA ILE J 79 -15.18 -13.44 1.52
C ILE J 79 -13.97 -13.59 0.61
N GLY J 80 -13.40 -14.77 0.50
CA GLY J 80 -12.30 -14.97 -0.44
C GLY J 80 -11.00 -14.32 -0.03
N ILE J 81 -10.55 -14.61 1.19
CA ILE J 81 -9.17 -14.35 1.62
C ILE J 81 -8.72 -15.63 2.31
N GLY J 82 -8.09 -16.54 1.55
CA GLY J 82 -7.81 -17.86 2.09
C GLY J 82 -6.44 -18.48 1.86
N GLY J 83 -5.43 -17.61 1.79
CA GLY J 83 -4.08 -17.98 1.39
C GLY J 83 -3.06 -18.04 2.51
N GLY J 84 -3.14 -17.14 3.51
CA GLY J 84 -2.16 -17.09 4.58
C GLY J 84 -2.68 -16.40 5.83
N GLN J 85 -1.92 -16.62 6.90
CA GLN J 85 -2.33 -16.13 8.21
C GLN J 85 -1.14 -16.27 9.17
N THR J 86 -1.18 -15.50 10.27
CA THR J 86 -0.17 -15.55 11.32
C THR J 86 -0.85 -15.57 12.68
N ILE J 87 -0.69 -16.67 13.43
CA ILE J 87 -1.08 -16.66 14.84
C ILE J 87 0.12 -16.18 15.63
N ASP J 88 0.42 -14.90 15.53
CA ASP J 88 1.80 -14.46 15.74
C ASP J 88 2.01 -14.27 17.24
N LEU J 89 2.93 -15.06 17.84
CA LEU J 89 3.04 -15.17 19.30
C LEU J 89 4.13 -14.29 19.94
N ASN J 90 5.27 -14.03 19.27
CA ASN J 90 6.34 -13.28 19.96
C ASN J 90 5.93 -11.87 20.36
N VAL J 91 4.72 -11.43 20.00
CA VAL J 91 4.16 -10.22 20.61
C VAL J 91 3.53 -10.52 21.95
N LEU J 92 3.41 -11.80 22.31
CA LEU J 92 3.05 -12.15 23.68
C LEU J 92 4.20 -11.84 24.64
N LEU J 93 5.43 -12.17 24.25
CA LEU J 93 6.58 -11.67 24.99
C LEU J 93 6.56 -10.14 25.03
N SER J 94 5.96 -9.53 24.00
CA SER J 94 5.89 -8.08 23.95
C SER J 94 4.97 -7.52 25.04
N ALA J 95 3.79 -8.14 25.25
CA ALA J 95 2.91 -7.69 26.32
C ALA J 95 3.60 -7.78 27.67
N ALA J 96 4.45 -8.80 27.86
CA ALA J 96 5.12 -8.96 29.15
C ALA J 96 6.02 -7.78 29.45
N ILE J 97 6.86 -7.39 28.49
CA ILE J 97 7.80 -6.30 28.72
C ILE J 97 7.02 -5.00 28.96
N ASN J 98 5.77 -4.93 28.47
CA ASN J 98 4.88 -3.83 28.80
C ASN J 98 4.55 -3.84 30.29
N PHE J 99 3.92 -4.91 30.77
CA PHE J 99 3.51 -4.98 32.16
C PHE J 99 4.72 -5.05 33.10
N PHE J 100 5.74 -5.81 32.73
CA PHE J 100 6.82 -6.10 33.68
C PHE J 100 7.71 -4.89 33.92
N LEU J 101 8.08 -4.17 32.86
CA LEU J 101 8.89 -2.98 33.08
C LEU J 101 8.07 -1.82 33.63
N ILE J 102 6.77 -1.76 33.33
CA ILE J 102 5.90 -0.84 34.05
C ILE J 102 6.04 -1.06 35.54
N ALA J 103 6.03 -2.31 35.98
CA ALA J 103 6.22 -2.61 37.40
C ALA J 103 7.61 -2.18 37.86
N PHE J 104 8.64 -2.52 37.09
CA PHE J 104 10.01 -2.23 37.52
C PHE J 104 10.32 -0.75 37.46
N ALA J 105 9.72 -0.03 36.51
CA ALA J 105 9.90 1.41 36.49
C ALA J 105 9.18 2.09 37.64
N VAL J 106 8.08 1.50 38.12
CA VAL J 106 7.34 2.09 39.22
C VAL J 106 7.76 1.54 40.57
N TYR J 107 8.33 0.33 40.61
CA TYR J 107 8.72 -0.26 41.88
C TYR J 107 9.98 0.39 42.46
N PHE J 108 10.71 1.16 41.66
CA PHE J 108 11.92 1.81 42.15
C PHE J 108 11.78 3.32 42.28
N LEU J 109 11.07 3.98 41.37
CA LEU J 109 10.85 5.42 41.52
C LEU J 109 9.84 5.72 42.61
N VAL J 110 8.79 4.92 42.70
CA VAL J 110 7.65 5.24 43.54
C VAL J 110 7.57 4.36 44.79
N VAL J 111 8.28 3.24 44.82
CA VAL J 111 8.14 2.26 45.89
C VAL J 111 9.36 2.26 46.82
N LEU J 112 10.57 2.13 46.27
CA LEU J 112 11.74 1.98 47.13
C LEU J 112 11.94 3.16 48.09
N PRO J 113 11.82 4.42 47.67
CA PRO J 113 11.81 5.50 48.68
C PRO J 113 10.58 5.46 49.56
N TYR J 114 9.42 5.07 49.01
CA TYR J 114 8.17 5.07 49.77
C TYR J 114 8.02 3.82 50.63
N ASN J 115 8.15 2.63 50.02
CA ASN J 115 8.03 1.40 50.78
C ASN J 115 9.07 1.33 51.88
N THR J 116 10.31 1.72 51.58
CA THR J 116 11.36 1.74 52.58
C THR J 116 11.34 3.07 53.34
AU AU K . 15.71 -7.67 5.26
AU AU L . 12.59 12.99 0.66
AU AU M . -10.75 15.80 -4.37
AU AU N . -18.86 -4.44 -4.19
AU AU O . -2.35 -17.40 1.26
#